data_8J19
#
_entry.id   8J19
#
_cell.length_a   1.00
_cell.length_b   1.00
_cell.length_c   1.00
_cell.angle_alpha   90.00
_cell.angle_beta   90.00
_cell.angle_gamma   90.00
#
_symmetry.space_group_name_H-M   'P 1'
#
loop_
_entity.id
_entity.type
_entity.pdbx_description
1 polymer 'G-protein coupled receptor 84'
2 polymer 'Guanine nucleotide-binding protein G(i) subunit alpha-1'
3 polymer 'Guanine nucleotide-binding protein G(I)/G(S)/G(T) subunit beta-1'
4 polymer 'Antibody fragment ScFv16'
5 polymer 'Guanine nucleotide-binding protein G(I)/G(S)/G(O) subunit gamma-2'
6 non-polymer 6-nonylpyridine-2,4-diol
#
loop_
_entity_poly.entity_id
_entity_poly.type
_entity_poly.pdbx_seq_one_letter_code
_entity_poly.pdbx_strand_id
1 'polypeptide(L)'
;HHHHHHHHHHMWNSSDANFSCYHESVLGYRYVAVSWGVVVAVTGTVGNVLTLLALAIQPKLRTRFNLLIANLTLADLLYC
TLLQPFSVDTYLHLHWRTGATFCRVFGLLLFASNSVSILTLCLIALGRYLLIAHPKLFPQVFSAKGIVLALVSTWVVGVA
SFAPLWPIYILVPVVCTCSFDRIRGRPYTTILMGIYFVLGLSSVGIFYCLIHRQVKRAAQALDQYKLRQASIHSNHVART
DEAMPGRFQELDSRLASGGPSEGISSEPVSAATTQTLEGDSSEVGDQINSKRAKQMAEKSPPEASAKAQPIKGARRAPDS
SSEFGKVTRMCFAVFLCFALSYIPFLLLNILDARVQAPRVVHMLAANLTWLNGCINPVLYAAMNRQFRQAYGSILKRGPR
SFHRLH
;
R
2 'polypeptide(L)'
;MGCTLSAEDKAAVERSKMIDRNLREDGEKAAREVKLLLLGAGESGKNTIVKQMKIIHEAGYSEEECKQYKAVVYSNTIQS
IIAIIRAMGRLKIDFGDSARADDARQLFVLAGAAEEGFMTAELAGVIKRLWKDSGVQACFNRSREYQLNDSAAYYLNDLD
RIAQPNYIPTQQDVLRTRVKTTGIVETHFTFKDLHFKMFDVGAQRSERKKWIHCFEGVTAIIFCVALSDYDLVLAEDEEM
NRMHASMKLFDSICNNKWFTDTSIILFLNKKDLFEEKIKKSPLTICYPEYAGSNTYEEAAAYIQCQFEDLNKRKDTKEIY
THFTCSTDTKNVQFVFDAVTDVIIKNNLKDCGLF
;
A
3 'polypeptide(L)'
;MGSLLQSELDQLRQEAEQLKNQIRDARKACADATLSQITNNIDPVGRIQMRTRRTLRGHLAKIYAMHWGTDSRLLVSASQ
DGKLIIWDSYTTNKVHAIPLRSSWVMTCAYAPSGNYVACGGLDNICSIYNLKTREGNVRVSRELAGHTGYLSCCRFLDDN
QIVTSSGDTTCALWDIETGQQTTTFTGHTGDVMSLSLAPDTRLFVSGACDASAKLWDVREGMCRQTFTGHESDINAICFF
PNGNAFATGSDDATCRLFDLRADQELMTYSHDNIICGITSVSFSKSGRLLLAGYDDFNCNVWDALKADRAGVLAGHDNRV
SCLGVTDDGMAVATGSWDSFLKIWNGSS
;
B
4 'polypeptide(L)'
;DVQLVESGGGLVQPGGSRKLSCSASGFAFSSFGMHWVRQAPEKGLEWVAYISSGSGTIYYADTVKGRFTISRDDPKNTLF
LQMTSLRSEDTAMYYCVRSIYYYGSSPFDFWGQGTTLTVSSGGGGSGGGGSGGGGSDIVMTQATSSVPVTPGESVSISCR
SSKSLLHSNGNTYLYWFLQRPGQSPQLLIYRMSNLASGVPDRFSGSGSGTAFTLTISRLEAEDVGVYYCMQHLEYPLTFG
AGTKLELKGSLEVLFQGPAAAHHHHHHHH
;
S
5 'polypeptide(L)' MASNNTASIAQARKLVEQLKMEANIDRIKVSKAAADLMAYCEAHAKEDPLLTPVPASENPFREKKFFCAIL G
#
loop_
_chem_comp.id
_chem_comp.type
_chem_comp.name
_chem_comp.formula
SWO non-polymer 6-nonylpyridine-2,4-diol 'C14 H23 N O2'
#
# COMPACT_ATOMS: atom_id res chain seq x y z
N ASN A 18 -3.37 56.04 34.30
CA ASN A 18 -4.19 54.84 34.58
C ASN A 18 -3.51 53.58 34.08
N PHE A 19 -3.12 53.60 32.80
CA PHE A 19 -2.44 52.45 32.20
C PHE A 19 -0.93 52.61 32.32
N SER A 20 -0.43 52.67 33.56
CA SER A 20 1.00 52.75 33.84
C SER A 20 1.34 51.85 35.01
N CYS A 21 2.56 51.31 35.00
CA CYS A 21 3.03 50.43 36.06
C CYS A 21 4.34 50.97 36.67
N TYR A 22 4.57 52.28 36.52
CA TYR A 22 5.81 52.86 37.03
C TYR A 22 5.90 52.68 38.54
N HIS A 23 7.09 52.32 39.01
CA HIS A 23 7.35 52.17 40.44
C HIS A 23 8.85 52.19 40.69
N GLU A 24 9.21 52.56 41.91
CA GLU A 24 10.62 52.56 42.32
C GLU A 24 11.14 51.14 42.52
N SER A 25 10.30 50.24 43.04
CA SER A 25 10.76 48.89 43.32
C SER A 25 11.19 48.17 42.05
N VAL A 26 10.44 48.36 40.97
CA VAL A 26 10.74 47.66 39.72
C VAL A 26 11.89 48.29 38.96
N LEU A 27 12.39 49.45 39.40
CA LEU A 27 13.40 50.17 38.63
C LEU A 27 14.61 49.29 38.35
N GLY A 28 15.05 48.54 39.34
CA GLY A 28 16.19 47.67 39.19
C GLY A 28 15.89 46.31 38.61
N TYR A 29 14.66 46.05 38.18
CA TYR A 29 14.27 44.74 37.66
C TYR A 29 13.70 44.79 36.24
N ARG A 30 13.42 45.98 35.69
CA ARG A 30 12.81 46.04 34.37
C ARG A 30 13.77 45.54 33.29
N TYR A 31 15.04 45.89 33.40
CA TYR A 31 15.99 45.55 32.34
C TYR A 31 16.17 44.04 32.23
N VAL A 32 16.30 43.36 33.37
CA VAL A 32 16.47 41.91 33.33
C VAL A 32 15.24 41.24 32.74
N ALA A 33 14.05 41.68 33.15
CA ALA A 33 12.82 41.11 32.62
C ALA A 33 12.72 41.35 31.11
N VAL A 34 13.08 42.56 30.67
CA VAL A 34 13.02 42.88 29.25
C VAL A 34 13.97 41.99 28.46
N SER A 35 15.20 41.83 28.95
CA SER A 35 16.17 41.00 28.25
C SER A 35 15.70 39.55 28.18
N TRP A 36 15.18 39.03 29.29
CA TRP A 36 14.71 37.65 29.30
C TRP A 36 13.52 37.49 28.35
N GLY A 37 12.63 38.48 28.31
CA GLY A 37 11.50 38.40 27.39
C GLY A 37 11.93 38.42 25.95
N VAL A 38 12.91 39.26 25.61
CA VAL A 38 13.42 39.30 24.24
C VAL A 38 14.06 37.95 23.88
N VAL A 39 14.84 37.39 24.80
CA VAL A 39 15.46 36.09 24.55
C VAL A 39 14.40 35.03 24.32
N VAL A 40 13.37 35.02 25.17
CA VAL A 40 12.30 34.04 25.05
C VAL A 40 11.60 34.20 23.72
N ALA A 41 11.27 35.43 23.34
CA ALA A 41 10.61 35.68 22.06
C ALA A 41 11.45 35.12 20.92
N VAL A 42 12.73 35.49 20.87
CA VAL A 42 13.57 35.09 19.75
C VAL A 42 13.68 33.56 19.70
N THR A 43 14.01 32.93 20.83
CA THR A 43 14.24 31.50 20.83
C THR A 43 12.97 30.73 20.52
N GLY A 44 11.85 31.09 21.17
CA GLY A 44 10.61 30.41 20.89
C GLY A 44 10.17 30.57 19.44
N THR A 45 10.29 31.78 18.90
CA THR A 45 9.90 32.01 17.52
C THR A 45 10.74 31.18 16.56
N VAL A 46 12.07 31.21 16.72
CA VAL A 46 12.92 30.46 15.80
C VAL A 46 12.66 28.97 15.93
N GLY A 47 12.57 28.46 17.15
CA GLY A 47 12.32 27.04 17.33
C GLY A 47 10.99 26.60 16.75
N ASN A 48 9.94 27.39 16.98
CA ASN A 48 8.62 26.99 16.51
C ASN A 48 8.52 27.09 15.00
N VAL A 49 9.13 28.12 14.39
CA VAL A 49 9.10 28.21 12.93
C VAL A 49 9.91 27.09 12.32
N LEU A 50 11.04 26.71 12.95
CA LEU A 50 11.79 25.56 12.46
C LEU A 50 10.97 24.28 12.55
N THR A 51 10.27 24.09 13.67
CA THR A 51 9.43 22.90 13.83
C THR A 51 8.33 22.86 12.78
N LEU A 52 7.67 23.99 12.54
CA LEU A 52 6.60 24.03 11.55
C LEU A 52 7.14 23.81 10.14
N LEU A 53 8.31 24.36 9.84
CA LEU A 53 8.93 24.12 8.55
C LEU A 53 9.26 22.64 8.37
N ALA A 54 9.76 22.00 9.43
CA ALA A 54 10.05 20.57 9.37
C ALA A 54 8.78 19.76 9.15
N LEU A 55 7.70 20.12 9.85
CA LEU A 55 6.43 19.42 9.64
C LEU A 55 5.94 19.59 8.22
N ALA A 56 6.04 20.80 7.68
CA ALA A 56 5.53 21.07 6.34
C ALA A 56 6.34 20.34 5.28
N ILE A 57 7.68 20.37 5.40
CA ILE A 57 8.54 19.82 4.38
C ILE A 57 8.37 18.29 4.30
N GLN A 58 8.32 17.63 5.45
CA GLN A 58 8.30 16.17 5.49
C GLN A 58 6.88 15.67 5.60
N PRO A 59 6.35 14.94 4.62
CA PRO A 59 5.00 14.38 4.80
C PRO A 59 4.96 13.20 5.75
N LYS A 60 6.13 12.60 6.05
CA LYS A 60 6.17 11.49 7.00
C LYS A 60 6.13 11.95 8.45
N LEU A 61 6.30 13.25 8.73
CA LEU A 61 6.21 13.77 10.08
C LEU A 61 4.78 14.11 10.49
N ARG A 62 3.82 14.05 9.57
CA ARG A 62 2.41 14.19 9.93
C ARG A 62 1.87 12.92 10.57
N THR A 63 2.52 12.45 11.63
CA THR A 63 2.15 11.20 12.27
C THR A 63 0.91 11.39 13.14
N ARG A 64 0.23 10.28 13.41
CA ARG A 64 -1.02 10.33 14.17
C ARG A 64 -0.81 11.02 15.52
N PHE A 65 0.38 10.89 16.11
CA PHE A 65 0.75 11.51 17.37
C PHE A 65 1.34 12.90 17.21
N ASN A 66 2.09 13.14 16.13
CA ASN A 66 2.80 14.40 15.97
C ASN A 66 1.86 15.61 15.82
N LEU A 67 0.58 15.38 15.57
CA LEU A 67 -0.35 16.51 15.45
C LEU A 67 -0.51 17.24 16.78
N LEU A 68 -0.42 16.50 17.89
CA LEU A 68 -0.47 17.15 19.20
C LEU A 68 0.72 18.09 19.37
N ILE A 69 1.92 17.63 18.98
CA ILE A 69 3.10 18.48 19.07
C ILE A 69 2.96 19.67 18.11
N ALA A 70 2.33 19.46 16.96
CA ALA A 70 2.10 20.56 16.04
C ALA A 70 1.19 21.61 16.65
N ASN A 71 0.13 21.17 17.33
CA ASN A 71 -0.77 22.11 17.99
C ASN A 71 -0.06 22.88 19.09
N LEU A 72 0.75 22.17 19.88
CA LEU A 72 1.53 22.86 20.91
C LEU A 72 2.47 23.89 20.28
N THR A 73 3.10 23.53 19.16
CA THR A 73 3.98 24.46 18.47
C THR A 73 3.20 25.68 17.97
N LEU A 74 1.99 25.45 17.46
CA LEU A 74 1.15 26.57 17.04
C LEU A 74 0.89 27.51 18.22
N ALA A 75 0.57 26.95 19.38
CA ALA A 75 0.31 27.79 20.55
C ALA A 75 1.53 28.60 20.94
N ASP A 76 2.70 27.94 21.04
CA ASP A 76 3.90 28.68 21.43
C ASP A 76 4.27 29.73 20.39
N LEU A 77 4.11 29.42 19.10
CA LEU A 77 4.41 30.39 18.06
C LEU A 77 3.50 31.59 18.17
N LEU A 78 2.19 31.35 18.31
CA LEU A 78 1.25 32.46 18.44
C LEU A 78 1.64 33.35 19.62
N TYR A 79 1.89 32.74 20.78
CA TYR A 79 2.28 33.54 21.93
C TYR A 79 3.55 34.35 21.64
N CYS A 80 4.65 33.65 21.38
CA CYS A 80 5.95 34.30 21.26
C CYS A 80 6.02 35.28 20.09
N THR A 81 5.08 35.22 19.14
CA THR A 81 5.08 36.18 18.06
C THR A 81 4.20 37.38 18.36
N LEU A 82 2.96 37.17 18.80
CA LEU A 82 2.03 38.27 18.98
C LEU A 82 2.11 38.87 20.39
N LEU A 83 1.99 38.03 21.42
CA LEU A 83 1.81 38.56 22.78
C LEU A 83 3.11 39.03 23.40
N GLN A 84 4.19 38.26 23.23
CA GLN A 84 5.43 38.57 23.95
C GLN A 84 6.01 39.92 23.58
N PRO A 85 6.08 40.32 22.29
CA PRO A 85 6.67 41.63 21.97
C PRO A 85 5.99 42.78 22.69
N PHE A 86 4.66 42.75 22.77
CA PHE A 86 3.93 43.82 23.45
C PHE A 86 4.27 43.84 24.93
N SER A 87 4.35 42.66 25.56
CA SER A 87 4.67 42.60 26.97
C SER A 87 6.08 43.14 27.24
N VAL A 88 7.05 42.77 26.41
CA VAL A 88 8.41 43.26 26.63
C VAL A 88 8.49 44.75 26.38
N ASP A 89 7.76 45.27 25.39
CA ASP A 89 7.73 46.71 25.16
C ASP A 89 7.16 47.43 26.38
N THR A 90 6.05 46.93 26.93
CA THR A 90 5.44 47.56 28.10
C THR A 90 6.40 47.51 29.29
N TYR A 91 7.09 46.38 29.47
CA TYR A 91 8.10 46.29 30.51
C TYR A 91 9.17 47.36 30.32
N LEU A 92 9.64 47.52 29.08
CA LEU A 92 10.71 48.48 28.80
C LEU A 92 10.26 49.90 29.13
N HIS A 93 9.07 50.29 28.66
CA HIS A 93 8.58 51.65 28.87
C HIS A 93 7.67 51.79 30.09
N LEU A 94 7.33 50.69 30.77
CA LEU A 94 6.46 50.74 31.94
C LEU A 94 5.13 51.41 31.61
N HIS A 95 4.64 51.21 30.40
CA HIS A 95 3.43 51.90 29.97
C HIS A 95 2.76 51.09 28.86
N TRP A 96 1.47 50.80 29.05
CA TRP A 96 0.69 50.05 28.07
C TRP A 96 0.36 50.97 26.92
N ARG A 97 1.17 50.91 25.86
CA ARG A 97 1.03 51.87 24.75
C ARG A 97 -0.38 51.84 24.18
N THR A 98 -0.89 50.65 23.94
CA THR A 98 -2.20 50.53 23.33
C THR A 98 -3.35 50.84 24.28
N GLY A 99 -4.56 50.72 23.77
CA GLY A 99 -5.71 51.04 24.59
C GLY A 99 -6.37 49.82 25.21
N ALA A 100 -7.43 50.09 25.99
CA ALA A 100 -8.14 49.02 26.68
C ALA A 100 -8.80 48.06 25.69
N THR A 101 -9.28 48.59 24.56
CA THR A 101 -9.87 47.73 23.55
C THR A 101 -8.88 46.68 23.07
N PHE A 102 -7.59 47.04 23.01
CA PHE A 102 -6.59 46.04 22.65
C PHE A 102 -6.29 45.10 23.81
N CYS A 103 -6.40 45.60 25.06
CA CYS A 103 -6.22 44.73 26.21
C CYS A 103 -7.25 43.61 26.23
N ARG A 104 -8.51 43.94 25.96
CA ARG A 104 -9.57 42.94 26.00
C ARG A 104 -9.22 41.75 25.11
N VAL A 105 -8.48 42.00 24.05
CA VAL A 105 -8.08 40.94 23.13
C VAL A 105 -6.76 40.32 23.53
N PHE A 106 -5.81 41.14 23.99
CA PHE A 106 -4.48 40.67 24.32
C PHE A 106 -4.51 39.71 25.50
N GLY A 107 -5.20 40.08 26.56
CA GLY A 107 -5.31 39.18 27.70
C GLY A 107 -5.95 37.86 27.33
N LEU A 108 -7.03 37.92 26.53
CA LEU A 108 -7.70 36.70 26.12
C LEU A 108 -6.77 35.82 25.30
N LEU A 109 -6.04 36.42 24.35
CA LEU A 109 -5.13 35.62 23.52
C LEU A 109 -4.01 35.01 24.35
N LEU A 110 -3.45 35.80 25.26
CA LEU A 110 -2.37 35.31 26.11
C LEU A 110 -2.84 34.14 26.93
N PHE A 111 -3.95 34.29 27.63
CA PHE A 111 -4.40 33.25 28.54
C PHE A 111 -4.90 32.02 27.78
N ALA A 112 -5.52 32.22 26.60
CA ALA A 112 -5.87 31.09 25.75
C ALA A 112 -4.63 30.35 25.26
N SER A 113 -3.57 31.07 24.90
CA SER A 113 -2.34 30.40 24.50
C SER A 113 -1.76 29.58 25.64
N ASN A 114 -1.73 30.15 26.84
CA ASN A 114 -1.21 29.43 28.00
C ASN A 114 -2.05 28.19 28.30
N SER A 115 -3.36 28.33 28.27
CA SER A 115 -4.26 27.20 28.53
C SER A 115 -4.11 26.12 27.47
N VAL A 116 -3.98 26.52 26.21
CA VAL A 116 -3.82 25.54 25.14
C VAL A 116 -2.48 24.82 25.27
N SER A 117 -1.43 25.55 25.64
CA SER A 117 -0.14 24.89 25.85
C SER A 117 -0.24 23.86 26.97
N ILE A 118 -0.87 24.22 28.08
CA ILE A 118 -0.99 23.27 29.20
C ILE A 118 -1.80 22.06 28.78
N LEU A 119 -2.93 22.28 28.11
CA LEU A 119 -3.78 21.18 27.71
C LEU A 119 -3.09 20.28 26.70
N THR A 120 -2.33 20.86 25.78
CA THR A 120 -1.63 20.05 24.78
C THR A 120 -0.48 19.28 25.41
N LEU A 121 0.18 19.85 26.42
CA LEU A 121 1.18 19.08 27.15
C LEU A 121 0.54 17.90 27.86
N CYS A 122 -0.62 18.11 28.47
CA CYS A 122 -1.33 17.00 29.10
C CYS A 122 -1.70 15.94 28.08
N LEU A 123 -2.19 16.36 26.91
CA LEU A 123 -2.59 15.40 25.89
C LEU A 123 -1.39 14.65 25.33
N ILE A 124 -0.24 15.33 25.20
CA ILE A 124 0.97 14.66 24.77
C ILE A 124 1.40 13.61 25.79
N ALA A 125 1.31 13.95 27.08
CA ALA A 125 1.62 12.96 28.11
C ALA A 125 0.70 11.76 28.00
N LEU A 126 -0.60 12.00 27.79
CA LEU A 126 -1.55 10.90 27.66
C LEU A 126 -1.22 10.05 26.44
N GLY A 127 -0.90 10.69 25.32
CA GLY A 127 -0.58 9.94 24.11
C GLY A 127 0.67 9.10 24.28
N ARG A 128 1.69 9.66 24.91
CA ARG A 128 2.91 8.90 25.17
C ARG A 128 2.63 7.71 26.07
N TYR A 129 1.84 7.93 27.13
CA TYR A 129 1.52 6.83 28.02
C TYR A 129 0.77 5.72 27.28
N LEU A 130 -0.19 6.11 26.43
CA LEU A 130 -0.92 5.11 25.66
C LEU A 130 0.01 4.35 24.71
N LEU A 131 0.93 5.07 24.06
CA LEU A 131 1.84 4.42 23.14
C LEU A 131 2.74 3.42 23.84
N ILE A 132 3.26 3.77 25.02
CA ILE A 132 4.26 2.92 25.67
C ILE A 132 3.60 1.81 26.47
N ALA A 133 2.59 2.12 27.28
CA ALA A 133 2.00 1.13 28.16
C ALA A 133 1.00 0.23 27.42
N HIS A 134 0.10 0.83 26.64
CA HIS A 134 -0.95 0.11 25.94
C HIS A 134 -0.94 0.49 24.47
N PRO A 135 0.03 -0.01 23.70
CA PRO A 135 0.11 0.39 22.28
C PRO A 135 -1.14 0.03 21.49
N LYS A 136 -1.82 -1.05 21.84
CA LYS A 136 -3.02 -1.45 21.11
C LYS A 136 -4.22 -0.57 21.44
N LEU A 137 -4.08 0.34 22.41
CA LEU A 137 -5.19 1.17 22.84
C LEU A 137 -5.13 2.56 22.24
N PHE A 138 -3.93 3.08 21.95
CA PHE A 138 -3.75 4.44 21.49
C PHE A 138 -4.62 4.75 20.29
N PRO A 139 -4.65 3.90 19.25
CA PRO A 139 -5.54 4.17 18.12
C PRO A 139 -6.99 4.33 18.52
N GLN A 140 -7.47 3.57 19.50
CA GLN A 140 -8.88 3.63 19.88
C GLN A 140 -9.24 5.02 20.42
N VAL A 141 -8.49 5.50 21.40
CA VAL A 141 -8.78 6.82 21.98
C VAL A 141 -8.51 7.91 20.96
N PHE A 142 -7.36 7.82 20.28
CA PHE A 142 -6.99 8.81 19.26
C PHE A 142 -7.39 8.30 17.87
N SER A 143 -8.71 8.17 17.69
CA SER A 143 -9.25 7.66 16.43
C SER A 143 -9.13 8.74 15.34
N ALA A 144 -9.60 8.41 14.15
CA ALA A 144 -9.38 9.28 13.00
C ALA A 144 -9.95 10.67 13.26
N LYS A 145 -11.22 10.74 13.65
CA LYS A 145 -11.83 12.02 14.00
C LYS A 145 -11.38 12.52 15.35
N GLY A 146 -10.84 11.64 16.20
CA GLY A 146 -10.48 12.01 17.55
C GLY A 146 -9.38 13.05 17.65
N ILE A 147 -8.44 13.06 16.70
CA ILE A 147 -7.31 13.99 16.79
C ILE A 147 -7.83 15.41 16.59
N VAL A 148 -8.60 15.62 15.51
CA VAL A 148 -9.18 16.93 15.27
C VAL A 148 -10.14 17.29 16.39
N LEU A 149 -10.88 16.31 16.90
CA LEU A 149 -11.76 16.56 18.03
C LEU A 149 -10.98 17.10 19.22
N ALA A 150 -9.85 16.47 19.55
CA ALA A 150 -9.06 16.87 20.71
C ALA A 150 -8.46 18.25 20.53
N LEU A 151 -7.88 18.51 19.36
CA LEU A 151 -7.27 19.82 19.13
C LEU A 151 -8.32 20.93 19.17
N VAL A 152 -9.46 20.70 18.53
CA VAL A 152 -10.53 21.69 18.53
C VAL A 152 -11.05 21.91 19.93
N SER A 153 -11.19 20.82 20.70
CA SER A 153 -11.66 20.93 22.07
C SER A 153 -10.70 21.76 22.92
N THR A 154 -9.40 21.50 22.78
CA THR A 154 -8.42 22.26 23.54
C THR A 154 -8.47 23.74 23.18
N TRP A 155 -8.55 24.05 21.89
CA TRP A 155 -8.57 25.45 21.48
C TRP A 155 -9.84 26.16 21.94
N VAL A 156 -10.99 25.50 21.79
CA VAL A 156 -12.25 26.13 22.18
C VAL A 156 -12.30 26.32 23.69
N VAL A 157 -11.78 25.35 24.45
CA VAL A 157 -11.70 25.51 25.89
C VAL A 157 -10.79 26.68 26.24
N GLY A 158 -9.62 26.75 25.62
CA GLY A 158 -8.69 27.81 25.94
C GLY A 158 -9.26 29.19 25.67
N VAL A 159 -10.05 29.33 24.61
CA VAL A 159 -10.64 30.63 24.31
C VAL A 159 -11.84 30.90 25.22
N ALA A 160 -12.73 29.93 25.37
CA ALA A 160 -14.00 30.16 26.07
C ALA A 160 -13.79 30.33 27.57
N SER A 161 -12.94 29.51 28.19
CA SER A 161 -12.80 29.58 29.65
C SER A 161 -12.32 30.94 30.11
N PHE A 162 -11.72 31.70 29.19
CA PHE A 162 -11.15 33.01 29.51
C PHE A 162 -11.87 34.18 28.84
N ALA A 163 -12.73 33.91 27.86
CA ALA A 163 -13.51 34.98 27.25
C ALA A 163 -14.39 35.71 28.25
N PRO A 164 -15.12 35.05 29.15
CA PRO A 164 -15.96 35.80 30.11
C PRO A 164 -15.22 36.87 30.87
N LEU A 165 -13.90 36.73 30.96
CA LEU A 165 -13.12 37.74 31.63
C LEU A 165 -12.83 38.87 30.67
N TRP A 166 -13.48 38.91 29.49
CA TRP A 166 -13.28 40.06 28.58
C TRP A 166 -13.31 41.44 29.33
N PRO A 167 -14.35 41.73 30.20
CA PRO A 167 -14.31 43.04 30.87
C PRO A 167 -13.26 43.13 31.96
N ILE A 168 -12.64 42.01 32.35
CA ILE A 168 -11.68 42.01 33.45
C ILE A 168 -10.24 42.20 33.00
N TYR A 169 -9.97 42.14 31.70
CA TYR A 169 -8.60 42.28 31.21
C TYR A 169 -8.18 43.73 31.24
N ILE A 170 -7.20 44.05 32.09
CA ILE A 170 -6.66 45.40 32.22
C ILE A 170 -5.15 45.29 32.39
N LEU A 171 -4.49 46.45 32.44
CA LEU A 171 -3.05 46.49 32.68
C LEU A 171 -2.76 46.32 34.16
N VAL A 172 -2.67 45.07 34.61
CA VAL A 172 -2.44 44.78 36.03
C VAL A 172 -1.08 45.36 36.42
N PRO A 173 -1.01 46.26 37.40
CA PRO A 173 0.27 46.89 37.71
C PRO A 173 1.33 45.92 38.21
N VAL A 174 0.95 44.89 38.96
CA VAL A 174 1.94 43.98 39.55
C VAL A 174 2.72 43.24 38.49
N VAL A 175 2.15 43.13 37.30
CA VAL A 175 2.78 42.37 36.23
C VAL A 175 3.21 43.24 35.07
N CYS A 176 2.84 44.51 35.04
CA CYS A 176 3.24 45.44 33.98
C CYS A 176 2.86 44.93 32.59
N THR A 177 1.87 44.06 32.52
CA THR A 177 1.36 43.59 31.24
C THR A 177 -0.14 43.37 31.37
N CYS A 178 -0.82 43.36 30.22
CA CYS A 178 -2.28 43.31 30.22
C CYS A 178 -2.74 41.87 30.47
N SER A 179 -3.53 41.69 31.53
CA SER A 179 -4.06 40.37 31.89
C SER A 179 -5.28 40.59 32.77
N PHE A 180 -5.81 39.49 33.30
CA PHE A 180 -7.03 39.58 34.10
C PHE A 180 -6.75 40.27 35.43
N ASP A 181 -7.58 41.28 35.77
CA ASP A 181 -7.51 41.92 37.10
C ASP A 181 -7.67 40.87 38.17
N ARG A 182 -6.83 40.89 39.19
CA ARG A 182 -6.86 39.86 40.21
C ARG A 182 -7.89 40.01 41.30
N ILE A 183 -8.31 41.23 41.61
CA ILE A 183 -9.19 41.43 42.75
C ILE A 183 -10.63 41.05 42.42
N ARG A 184 -11.14 41.49 41.27
CA ARG A 184 -12.56 41.34 40.99
C ARG A 184 -12.91 40.06 40.25
N GLY A 185 -11.99 39.50 39.49
CA GLY A 185 -12.21 38.21 38.86
C GLY A 185 -11.78 37.02 39.70
N ARG A 186 -11.37 37.31 40.93
CA ARG A 186 -10.87 36.28 41.85
C ARG A 186 -11.55 34.88 41.83
N PRO A 187 -12.89 34.75 42.07
CA PRO A 187 -13.44 33.40 42.25
C PRO A 187 -13.29 32.51 41.02
N TYR A 188 -13.86 32.93 39.90
CA TYR A 188 -13.81 32.15 38.68
C TYR A 188 -12.37 31.90 38.22
N THR A 189 -11.57 32.95 38.18
CA THR A 189 -10.20 32.82 37.70
C THR A 189 -9.39 31.91 38.61
N THR A 190 -9.60 32.00 39.92
CA THR A 190 -8.88 31.14 40.85
C THR A 190 -9.31 29.68 40.68
N ILE A 191 -10.60 29.45 40.47
CA ILE A 191 -11.06 28.08 40.23
C ILE A 191 -10.45 27.53 38.95
N LEU A 192 -10.41 28.36 37.89
CA LEU A 192 -9.80 27.95 36.64
C LEU A 192 -8.33 27.60 36.85
N MET A 193 -7.63 28.45 37.60
CA MET A 193 -6.21 28.24 37.83
C MET A 193 -5.97 26.97 38.63
N GLY A 194 -6.79 26.72 39.65
CA GLY A 194 -6.66 25.48 40.40
C GLY A 194 -6.93 24.26 39.54
N ILE A 195 -7.95 24.33 38.70
CA ILE A 195 -8.25 23.23 37.79
C ILE A 195 -7.05 22.95 36.91
N TYR A 196 -6.10 23.95 36.51
CA TYR A 196 -4.89 23.64 35.75
C TYR A 196 -3.78 23.17 36.67
N PHE A 197 -3.81 23.57 37.94
CA PHE A 197 -2.82 23.10 38.90
C PHE A 197 -2.93 21.59 39.10
N VAL A 198 -4.14 21.09 39.37
CA VAL A 198 -4.37 19.68 39.59
C VAL A 198 -4.28 18.89 38.29
N LEU A 199 -5.03 19.30 37.26
CA LEU A 199 -5.04 18.56 36.01
C LEU A 199 -3.66 18.48 35.38
N GLY A 200 -2.98 19.61 35.22
CA GLY A 200 -1.68 19.61 34.56
C GLY A 200 -0.64 18.80 35.29
N LEU A 201 -0.46 19.06 36.60
CA LEU A 201 0.61 18.38 37.34
C LEU A 201 0.27 16.90 37.52
N SER A 202 -1.02 16.52 37.63
CA SER A 202 -1.36 15.10 37.66
C SER A 202 -1.07 14.44 36.32
N SER A 203 -1.60 15.00 35.24
CA SER A 203 -1.49 14.36 33.93
C SER A 203 -0.05 14.28 33.46
N VAL A 204 0.82 15.17 33.95
CA VAL A 204 2.23 15.08 33.60
C VAL A 204 2.96 14.09 34.50
N GLY A 205 2.93 14.32 35.81
CA GLY A 205 3.71 13.49 36.71
C GLY A 205 3.30 12.03 36.68
N ILE A 206 1.99 11.76 36.80
CA ILE A 206 1.54 10.38 36.87
C ILE A 206 1.86 9.64 35.59
N PHE A 207 1.55 10.26 34.44
CA PHE A 207 1.76 9.58 33.16
C PHE A 207 3.24 9.32 32.91
N TYR A 208 4.11 10.29 33.22
CA TYR A 208 5.52 10.06 32.97
C TYR A 208 6.11 9.06 33.97
N CYS A 209 5.62 9.05 35.21
CA CYS A 209 6.05 8.03 36.15
C CYS A 209 5.63 6.64 35.68
N LEU A 210 4.42 6.52 35.14
CA LEU A 210 3.97 5.23 34.63
C LEU A 210 4.78 4.80 33.41
N ILE A 211 5.13 5.76 32.55
CA ILE A 211 5.97 5.44 31.40
C ILE A 211 7.32 4.92 31.86
N HIS A 212 7.92 5.59 32.85
CA HIS A 212 9.19 5.12 33.39
C HIS A 212 9.04 3.74 34.01
N ARG A 213 7.92 3.49 34.70
CA ARG A 213 7.69 2.19 35.30
C ARG A 213 7.62 1.10 34.24
N GLN A 214 6.88 1.36 33.16
CA GLN A 214 6.77 0.38 32.08
C GLN A 214 8.13 0.09 31.46
N VAL A 215 8.89 1.16 31.18
CA VAL A 215 10.20 0.96 30.56
C VAL A 215 11.12 0.17 31.49
N LYS A 216 11.12 0.51 32.78
CA LYS A 216 11.95 -0.20 33.74
C LYS A 216 11.56 -1.68 33.83
N ARG A 217 10.25 -1.95 33.85
CA ARG A 217 9.79 -3.34 33.91
C ARG A 217 10.24 -4.11 32.67
N ALA A 218 10.08 -3.50 31.50
CA ALA A 218 10.49 -4.17 30.27
C ALA A 218 11.98 -4.46 30.27
N ALA A 219 12.79 -3.50 30.72
CA ALA A 219 14.23 -3.72 30.76
C ALA A 219 14.60 -4.78 31.78
N GLN A 220 13.92 -4.79 32.93
CA GLN A 220 14.28 -5.72 33.99
C GLN A 220 13.87 -7.15 33.66
N ALA A 221 12.80 -7.32 32.88
CA ALA A 221 12.35 -8.67 32.55
C ALA A 221 13.42 -9.48 31.84
N LEU A 222 14.37 -8.83 31.19
CA LEU A 222 15.42 -9.53 30.46
C LEU A 222 16.63 -9.89 31.33
N ASP A 223 16.75 -9.32 32.53
CA ASP A 223 17.91 -9.56 33.35
C ASP A 223 18.03 -11.00 33.81
N GLN A 224 16.92 -11.74 33.84
CA GLN A 224 16.95 -13.11 34.36
C GLN A 224 17.62 -14.09 33.41
N TYR A 225 17.81 -13.72 32.15
CA TYR A 225 18.42 -14.61 31.17
C TYR A 225 19.93 -14.42 31.05
N LYS A 226 20.52 -13.49 31.78
CA LYS A 226 21.96 -13.31 31.75
C LYS A 226 22.65 -14.45 32.50
N LEU A 227 23.90 -14.69 32.14
CA LEU A 227 24.65 -15.78 32.76
C LEU A 227 24.79 -15.57 34.26
N GLU A 323 13.97 4.36 31.79
CA GLU A 323 15.07 3.60 32.36
C GLU A 323 16.05 3.20 31.28
N PHE A 324 16.95 4.11 30.94
CA PHE A 324 17.94 3.83 29.91
C PHE A 324 19.03 4.82 30.16
N GLY A 325 18.69 5.93 30.82
CA GLY A 325 19.65 6.99 31.02
C GLY A 325 19.14 8.08 30.12
N LYS A 326 18.26 7.71 29.21
CA LYS A 326 17.68 8.69 28.34
C LYS A 326 16.23 8.86 28.73
N VAL A 327 15.50 7.77 28.91
CA VAL A 327 14.08 7.94 29.21
C VAL A 327 13.90 8.64 30.54
N THR A 328 14.68 8.25 31.55
CA THR A 328 14.56 8.91 32.85
C THR A 328 14.91 10.38 32.76
N ARG A 329 15.99 10.71 32.05
CA ARG A 329 16.36 12.11 31.86
C ARG A 329 15.24 12.87 31.15
N MET A 330 14.67 12.29 30.11
CA MET A 330 13.65 12.98 29.34
C MET A 330 12.41 13.24 30.19
N CYS A 331 11.97 12.23 30.95
CA CYS A 331 10.80 12.39 31.80
C CYS A 331 11.05 13.44 32.89
N PHE A 332 12.21 13.36 33.54
CA PHE A 332 12.51 14.34 34.58
C PHE A 332 12.57 15.74 34.00
N ALA A 333 13.19 15.89 32.83
CA ALA A 333 13.26 17.21 32.20
C ALA A 333 11.87 17.74 31.88
N VAL A 334 10.99 16.90 31.34
CA VAL A 334 9.65 17.37 30.99
C VAL A 334 8.91 17.83 32.24
N PHE A 335 8.88 16.98 33.28
CA PHE A 335 8.13 17.36 34.47
C PHE A 335 8.73 18.59 35.14
N LEU A 336 10.06 18.65 35.24
CA LEU A 336 10.71 19.77 35.89
C LEU A 336 10.45 21.07 35.12
N CYS A 337 10.52 21.02 33.79
CA CYS A 337 10.26 22.20 33.00
C CYS A 337 8.83 22.68 33.18
N PHE A 338 7.86 21.76 33.11
CA PHE A 338 6.47 22.16 33.32
C PHE A 338 6.29 22.79 34.69
N ALA A 339 6.80 22.13 35.73
CA ALA A 339 6.62 22.66 37.08
C ALA A 339 7.26 24.03 37.21
N LEU A 340 8.54 24.16 36.85
CA LEU A 340 9.23 25.43 36.99
C LEU A 340 8.52 26.53 36.23
N SER A 341 8.03 26.24 35.03
CA SER A 341 7.44 27.29 34.21
C SER A 341 6.09 27.74 34.76
N TYR A 342 5.22 26.79 35.14
CA TYR A 342 3.84 27.15 35.46
C TYR A 342 3.55 27.21 36.96
N ILE A 343 3.86 26.14 37.71
CA ILE A 343 3.43 26.09 39.12
C ILE A 343 3.72 27.33 39.99
N PRO A 344 4.87 28.01 39.83
CA PRO A 344 5.05 29.24 40.62
C PRO A 344 3.95 30.27 40.38
N PHE A 345 3.61 30.53 39.12
CA PHE A 345 2.59 31.53 38.81
C PHE A 345 1.24 31.13 39.37
N LEU A 346 0.83 29.89 39.11
CA LEU A 346 -0.48 29.42 39.56
C LEU A 346 -0.57 29.47 41.08
N LEU A 347 0.46 28.97 41.78
CA LEU A 347 0.46 29.00 43.23
C LEU A 347 0.41 30.42 43.75
N LEU A 348 1.23 31.32 43.19
CA LEU A 348 1.31 32.69 43.69
C LEU A 348 -0.03 33.40 43.54
N ASN A 349 -0.69 33.23 42.39
CA ASN A 349 -1.94 33.93 42.16
C ASN A 349 -3.18 33.15 42.60
N ILE A 350 -2.98 32.01 43.26
CA ILE A 350 -4.12 31.28 43.84
C ILE A 350 -4.07 31.54 45.34
N LEU A 351 -2.92 31.29 45.97
CA LEU A 351 -2.85 31.42 47.41
C LEU A 351 -3.05 32.86 47.85
N ASP A 352 -2.54 33.81 47.07
CA ASP A 352 -2.60 35.24 47.40
C ASP A 352 -3.40 35.95 46.32
N ALA A 353 -4.74 35.97 46.50
CA ALA A 353 -5.58 36.72 45.59
C ALA A 353 -5.40 38.22 45.80
N ARG A 354 -5.41 38.66 47.05
CA ARG A 354 -5.14 40.06 47.37
C ARG A 354 -3.73 40.43 46.96
N VAL A 355 -3.58 41.57 46.29
CA VAL A 355 -2.28 42.01 45.81
C VAL A 355 -1.54 42.70 46.94
N GLN A 356 -0.75 41.94 47.69
CA GLN A 356 0.10 42.49 48.75
C GLN A 356 1.54 42.01 48.68
N ALA A 357 1.85 40.98 47.90
CA ALA A 357 3.21 40.53 47.75
C ALA A 357 4.03 41.56 46.99
N PRO A 358 5.36 41.51 47.08
CA PRO A 358 6.17 42.54 46.42
C PRO A 358 6.05 42.45 44.91
N ARG A 359 6.46 43.48 44.17
CA ARG A 359 6.22 43.44 42.72
C ARG A 359 7.15 42.51 41.94
N VAL A 360 8.08 41.86 42.63
CA VAL A 360 9.07 41.03 41.96
C VAL A 360 8.59 39.59 41.82
N VAL A 361 7.85 39.09 42.80
CA VAL A 361 7.39 37.70 42.75
C VAL A 361 6.47 37.49 41.55
N HIS A 362 5.56 38.44 41.31
CA HIS A 362 4.66 38.33 40.16
C HIS A 362 5.44 38.41 38.86
N MET A 363 6.43 39.31 38.79
CA MET A 363 7.26 39.39 37.60
C MET A 363 8.09 38.13 37.41
N LEU A 364 8.59 37.56 38.50
CA LEU A 364 9.33 36.31 38.41
C LEU A 364 8.44 35.19 37.88
N ALA A 365 7.19 35.14 38.36
CA ALA A 365 6.24 34.14 37.87
C ALA A 365 5.96 34.36 36.39
N ALA A 366 5.82 35.61 35.98
CA ALA A 366 5.60 35.91 34.57
C ALA A 366 6.77 35.42 33.73
N ASN A 367 8.00 35.65 34.20
CA ASN A 367 9.17 35.18 33.48
C ASN A 367 9.17 33.66 33.37
N LEU A 368 8.88 32.98 34.49
CA LEU A 368 8.90 31.52 34.48
C LEU A 368 7.86 30.96 33.53
N THR A 369 6.66 31.56 33.50
CA THR A 369 5.65 31.07 32.56
C THR A 369 6.00 31.45 31.13
N TRP A 370 6.77 32.52 30.93
CA TRP A 370 7.30 32.78 29.59
C TRP A 370 8.26 31.67 29.17
N LEU A 371 8.99 31.10 30.13
CA LEU A 371 9.97 30.07 29.79
C LEU A 371 9.34 28.88 29.05
N ASN A 372 8.05 28.64 29.25
CA ASN A 372 7.42 27.46 28.67
C ASN A 372 7.44 27.50 27.15
N GLY A 373 7.06 28.63 26.56
CA GLY A 373 7.07 28.73 25.11
C GLY A 373 8.46 28.59 24.53
N CYS A 374 9.47 29.10 25.24
CA CYS A 374 10.84 28.98 24.77
C CYS A 374 11.33 27.54 24.84
N ILE A 375 10.97 26.82 25.90
CA ILE A 375 11.57 25.51 26.11
C ILE A 375 10.82 24.39 25.39
N ASN A 376 9.49 24.47 25.29
CA ASN A 376 8.74 23.37 24.69
C ASN A 376 9.27 22.96 23.32
N PRO A 377 9.62 23.88 22.41
CA PRO A 377 10.18 23.44 21.13
C PRO A 377 11.40 22.55 21.29
N VAL A 378 12.29 22.86 22.22
CA VAL A 378 13.46 22.01 22.45
C VAL A 378 13.02 20.60 22.81
N LEU A 379 12.29 20.47 23.93
CA LEU A 379 11.95 19.15 24.45
C LEU A 379 11.17 18.33 23.44
N TYR A 380 10.30 18.96 22.66
CA TYR A 380 9.34 18.20 21.86
C TYR A 380 9.70 18.11 20.38
N ALA A 381 10.67 18.88 19.88
CA ALA A 381 11.14 18.71 18.52
C ALA A 381 12.63 18.42 18.48
N ALA A 382 13.43 19.24 19.20
CA ALA A 382 14.87 19.13 19.09
C ALA A 382 15.38 17.80 19.63
N MET A 383 14.84 17.35 20.76
CA MET A 383 15.23 16.07 21.34
C MET A 383 14.43 14.90 20.79
N ASN A 384 13.51 15.16 19.86
CA ASN A 384 12.70 14.12 19.25
C ASN A 384 13.49 13.43 18.15
N ARG A 385 13.39 12.10 18.08
CA ARG A 385 14.14 11.35 17.09
C ARG A 385 13.72 11.71 15.66
N GLN A 386 12.41 11.83 15.43
CA GLN A 386 11.92 12.05 14.08
C GLN A 386 12.38 13.40 13.53
N PHE A 387 12.21 14.46 14.30
CA PHE A 387 12.57 15.79 13.82
C PHE A 387 14.07 15.93 13.65
N ARG A 388 14.84 15.54 14.67
CA ARG A 388 16.25 15.91 14.75
C ARG A 388 17.04 15.44 13.54
N GLN A 389 17.16 14.12 13.40
CA GLN A 389 18.04 13.58 12.36
C GLN A 389 17.52 13.93 10.96
N ALA A 390 16.21 13.87 10.77
CA ALA A 390 15.65 14.17 9.45
C ALA A 390 15.96 15.60 9.03
N TYR A 391 15.66 16.57 9.90
CA TYR A 391 15.91 17.96 9.54
C TYR A 391 17.41 18.25 9.45
N GLY A 392 18.23 17.59 10.28
CA GLY A 392 19.66 17.76 10.16
C GLY A 392 20.20 17.28 8.82
N SER A 393 19.73 16.12 8.37
CA SER A 393 20.12 15.63 7.05
C SER A 393 19.62 16.56 5.96
N ILE A 394 18.40 17.07 6.09
CA ILE A 394 17.88 18.00 5.10
C ILE A 394 18.76 19.24 5.02
N LEU A 395 19.15 19.79 6.17
CA LEU A 395 20.05 20.94 6.17
C LEU A 395 21.40 20.59 5.55
N THR B 4 -23.81 13.53 -12.04
CA THR B 4 -22.85 13.16 -13.11
C THR B 4 -22.77 11.63 -13.26
N LEU B 5 -22.45 10.97 -12.15
CA LEU B 5 -22.33 9.51 -12.17
C LEU B 5 -23.68 8.88 -12.44
N SER B 6 -23.67 7.78 -13.21
CA SER B 6 -24.89 7.05 -13.47
C SER B 6 -25.23 6.16 -12.28
N ALA B 7 -26.25 5.31 -12.47
CA ALA B 7 -26.68 4.42 -11.39
C ALA B 7 -25.60 3.42 -11.02
N GLU B 8 -25.20 2.59 -11.98
CA GLU B 8 -24.21 1.57 -11.69
C GLU B 8 -22.81 2.13 -11.54
N ASP B 9 -22.55 3.34 -12.01
CA ASP B 9 -21.30 4.02 -11.63
C ASP B 9 -21.27 4.29 -10.14
N LYS B 10 -22.39 4.77 -9.57
CA LYS B 10 -22.46 4.96 -8.14
C LYS B 10 -22.37 3.62 -7.41
N ALA B 11 -22.99 2.58 -7.96
CA ALA B 11 -22.87 1.25 -7.36
C ALA B 11 -21.42 0.78 -7.33
N ALA B 12 -20.68 1.01 -8.43
CA ALA B 12 -19.28 0.63 -8.48
C ALA B 12 -18.46 1.42 -7.48
N VAL B 13 -18.76 2.71 -7.32
CA VAL B 13 -18.05 3.52 -6.34
C VAL B 13 -18.31 2.98 -4.93
N GLU B 14 -19.55 2.58 -4.65
CA GLU B 14 -19.87 1.97 -3.36
C GLU B 14 -19.10 0.67 -3.17
N ARG B 15 -19.00 -0.16 -4.21
CA ARG B 15 -18.23 -1.39 -4.11
C ARG B 15 -16.77 -1.10 -3.81
N SER B 16 -16.21 -0.09 -4.47
CA SER B 16 -14.82 0.28 -4.23
C SER B 16 -14.62 0.77 -2.81
N LYS B 17 -15.57 1.56 -2.28
CA LYS B 17 -15.46 2.01 -0.90
C LYS B 17 -15.52 0.84 0.08
N MET B 18 -16.39 -0.14 -0.20
CA MET B 18 -16.45 -1.32 0.65
C MET B 18 -15.13 -2.08 0.62
N ILE B 19 -14.55 -2.24 -0.58
CA ILE B 19 -13.27 -2.92 -0.70
C ILE B 19 -12.20 -2.17 0.07
N ASP B 20 -12.23 -0.84 0.01
CA ASP B 20 -11.25 -0.04 0.75
C ASP B 20 -11.41 -0.24 2.25
N ARG B 21 -12.66 -0.28 2.73
CA ARG B 21 -12.89 -0.51 4.15
C ARG B 21 -12.33 -1.87 4.57
N ASN B 22 -12.58 -2.90 3.76
CA ASN B 22 -12.06 -4.23 4.08
C ASN B 22 -10.54 -4.23 4.08
N LEU B 23 -9.93 -3.54 3.11
CA LEU B 23 -8.48 -3.45 3.06
C LEU B 23 -7.93 -2.80 4.32
N ARG B 24 -8.55 -1.70 4.75
CA ARG B 24 -8.06 -1.01 5.94
C ARG B 24 -8.21 -1.88 7.18
N GLU B 25 -9.35 -2.59 7.29
CA GLU B 25 -9.53 -3.48 8.45
C GLU B 25 -8.47 -4.57 8.47
N ASP B 26 -8.23 -5.22 7.33
CA ASP B 26 -7.23 -6.27 7.28
C ASP B 26 -5.84 -5.73 7.60
N GLY B 27 -5.52 -4.54 7.08
CA GLY B 27 -4.22 -3.96 7.34
C GLY B 27 -4.03 -3.62 8.81
N GLU B 28 -5.06 -3.07 9.45
CA GLU B 28 -4.96 -2.76 10.86
C GLU B 28 -4.82 -4.04 11.69
N LYS B 29 -5.52 -5.10 11.29
CA LYS B 29 -5.37 -6.38 11.98
C LYS B 29 -3.95 -6.91 11.83
N ALA B 30 -3.38 -6.82 10.63
CA ALA B 30 -2.06 -7.37 10.37
C ALA B 30 -0.95 -6.53 10.99
N ALA B 31 -1.17 -5.23 11.19
CA ALA B 31 -0.12 -4.38 11.75
C ALA B 31 0.22 -4.80 13.18
N ARG B 32 -0.78 -5.24 13.95
CA ARG B 32 -0.54 -5.63 15.32
C ARG B 32 0.29 -6.91 15.43
N GLU B 33 0.25 -7.75 14.40
CA GLU B 33 0.99 -8.99 14.42
C GLU B 33 2.49 -8.72 14.42
N VAL B 34 3.24 -9.58 15.10
CA VAL B 34 4.69 -9.46 15.20
C VAL B 34 5.31 -10.40 14.18
N LYS B 35 6.14 -9.86 13.30
CA LYS B 35 6.81 -10.64 12.27
C LYS B 35 8.27 -10.84 12.64
N LEU B 36 8.72 -12.08 12.61
CA LEU B 36 10.09 -12.44 12.96
C LEU B 36 10.71 -13.23 11.83
N LEU B 37 11.99 -12.97 11.55
CA LEU B 37 12.73 -13.67 10.52
C LEU B 37 13.70 -14.63 11.20
N LEU B 38 13.70 -15.88 10.75
CA LEU B 38 14.53 -16.93 11.32
C LEU B 38 15.67 -17.24 10.36
N LEU B 39 16.90 -17.15 10.86
CA LEU B 39 18.10 -17.39 10.06
C LEU B 39 19.02 -18.34 10.80
N GLY B 40 20.17 -18.60 10.18
CA GLY B 40 21.16 -19.52 10.70
C GLY B 40 21.35 -20.71 9.78
N ALA B 41 22.29 -21.56 10.15
CA ALA B 41 22.55 -22.76 9.37
C ALA B 41 21.42 -23.76 9.55
N GLY B 42 21.22 -24.60 8.53
CA GLY B 42 20.17 -25.60 8.59
C GLY B 42 20.37 -26.57 9.73
N GLU B 43 21.63 -26.91 10.03
CA GLU B 43 21.96 -27.84 11.09
C GLU B 43 22.16 -27.17 12.44
N SER B 44 21.96 -25.86 12.53
CA SER B 44 22.11 -25.12 13.78
C SER B 44 20.91 -25.27 14.70
N GLY B 45 19.99 -26.19 14.40
CA GLY B 45 18.85 -26.41 15.27
C GLY B 45 17.63 -25.58 14.96
N LYS B 46 17.56 -24.99 13.77
CA LYS B 46 16.38 -24.19 13.40
C LYS B 46 15.11 -25.03 13.47
N ASN B 47 15.12 -26.17 12.80
CA ASN B 47 13.94 -27.03 12.80
C ASN B 47 13.62 -27.53 14.19
N THR B 48 14.65 -27.92 14.94
CA THR B 48 14.43 -28.43 16.30
C THR B 48 13.77 -27.38 17.17
N ILE B 49 14.26 -26.13 17.09
CA ILE B 49 13.71 -25.09 17.96
C ILE B 49 12.30 -24.71 17.52
N VAL B 50 12.06 -24.59 16.21
CA VAL B 50 10.75 -24.16 15.75
C VAL B 50 9.71 -25.21 16.10
N LYS B 51 10.03 -26.49 15.90
CA LYS B 51 9.08 -27.54 16.23
C LYS B 51 8.91 -27.67 17.74
N GLN B 52 10.00 -27.53 18.49
CA GLN B 52 9.92 -27.62 19.95
C GLN B 52 9.08 -26.49 20.53
N MET B 53 9.26 -25.27 20.01
CA MET B 53 8.61 -24.08 20.57
C MET B 53 7.32 -23.73 19.86
N LYS B 54 6.69 -24.71 19.19
CA LYS B 54 5.42 -24.47 18.51
C LYS B 54 4.29 -24.53 19.52
N ILE B 55 3.59 -23.41 19.71
CA ILE B 55 2.47 -23.35 20.64
C ILE B 55 1.23 -23.92 19.96
N THR B 182 8.14 -25.76 -0.63
CA THR B 182 9.54 -25.79 -1.04
C THR B 182 10.15 -24.40 -1.05
N GLY B 183 9.44 -23.45 -0.43
CA GLY B 183 9.92 -22.08 -0.36
C GLY B 183 9.92 -21.55 1.05
N ILE B 184 9.42 -20.32 1.23
CA ILE B 184 9.35 -19.74 2.55
C ILE B 184 8.32 -20.49 3.39
N VAL B 185 8.68 -20.80 4.64
CA VAL B 185 7.81 -21.51 5.57
C VAL B 185 7.38 -20.54 6.64
N GLU B 186 6.07 -20.37 6.81
CA GLU B 186 5.52 -19.44 7.78
C GLU B 186 5.01 -20.22 8.98
N THR B 187 5.39 -19.77 10.18
CA THR B 187 4.97 -20.39 11.43
C THR B 187 4.24 -19.36 12.27
N HIS B 188 3.13 -19.77 12.88
CA HIS B 188 2.30 -18.89 13.69
C HIS B 188 2.31 -19.37 15.13
N PHE B 189 2.50 -18.42 16.06
CA PHE B 189 2.44 -18.69 17.49
C PHE B 189 1.40 -17.79 18.13
N THR B 190 1.27 -17.94 19.45
CA THR B 190 0.47 -17.03 20.26
C THR B 190 0.97 -17.12 21.69
N PHE B 191 1.31 -15.96 22.26
CA PHE B 191 1.84 -15.93 23.62
C PHE B 191 1.42 -14.63 24.27
N LYS B 192 0.74 -14.74 25.42
CA LYS B 192 0.33 -13.56 26.19
C LYS B 192 -0.45 -12.58 25.32
N ASP B 193 -1.39 -13.09 24.54
CA ASP B 193 -2.22 -12.26 23.66
C ASP B 193 -1.37 -11.47 22.67
N LEU B 194 -0.28 -12.08 22.19
CA LEU B 194 0.60 -11.47 21.20
C LEU B 194 0.83 -12.48 20.09
N HIS B 195 0.60 -12.06 18.84
CA HIS B 195 0.63 -12.95 17.69
C HIS B 195 1.96 -12.81 16.96
N PHE B 196 2.63 -13.95 16.76
CA PHE B 196 3.94 -13.98 16.12
C PHE B 196 3.84 -14.59 14.74
N LYS B 197 4.67 -14.11 13.82
CA LYS B 197 4.77 -14.63 12.46
C LYS B 197 6.25 -14.88 12.19
N MET B 198 6.65 -16.14 12.11
CA MET B 198 8.03 -16.53 11.91
C MET B 198 8.20 -17.05 10.48
N PHE B 199 9.10 -16.41 9.73
CA PHE B 199 9.35 -16.76 8.34
C PHE B 199 10.68 -17.51 8.25
N ASP B 200 10.61 -18.85 8.26
CA ASP B 200 11.80 -19.67 8.06
C ASP B 200 12.07 -19.75 6.57
N VAL B 201 13.15 -19.10 6.13
CA VAL B 201 13.49 -18.99 4.71
C VAL B 201 14.71 -19.81 4.34
N GLY B 202 15.07 -20.80 5.16
CA GLY B 202 16.24 -21.60 4.87
C GLY B 202 16.13 -22.42 3.60
N ALA B 203 14.89 -22.71 3.17
CA ALA B 203 14.68 -23.52 1.98
C ALA B 203 14.99 -22.77 0.70
N GLN B 204 15.22 -21.45 0.76
CA GLN B 204 15.51 -20.64 -0.42
C GLN B 204 16.99 -20.76 -0.76
N ARG B 205 17.32 -21.85 -1.46
CA ARG B 205 18.68 -22.08 -1.94
C ARG B 205 18.90 -21.23 -3.20
N SER B 206 18.89 -19.91 -2.99
CA SER B 206 19.01 -18.96 -4.08
C SER B 206 19.78 -17.75 -3.58
N GLU B 207 20.28 -16.96 -4.53
CA GLU B 207 21.07 -15.78 -4.20
C GLU B 207 20.28 -14.84 -3.31
N ARG B 208 20.89 -14.42 -2.20
CA ARG B 208 20.28 -13.43 -1.32
C ARG B 208 20.49 -12.05 -1.94
N LYS B 209 20.19 -11.01 -1.17
CA LYS B 209 20.41 -9.62 -1.57
C LYS B 209 19.47 -9.19 -2.69
N LYS B 210 18.62 -10.12 -3.16
CA LYS B 210 17.59 -9.79 -4.14
C LYS B 210 16.21 -10.26 -3.70
N TRP B 211 16.12 -10.94 -2.56
CA TRP B 211 14.84 -11.13 -1.88
C TRP B 211 14.90 -10.80 -0.40
N ILE B 212 16.07 -10.47 0.15
CA ILE B 212 16.16 -10.10 1.56
C ILE B 212 15.53 -8.74 1.79
N HIS B 213 15.59 -7.85 0.79
CA HIS B 213 15.05 -6.50 0.98
C HIS B 213 13.55 -6.51 1.20
N CYS B 214 12.87 -7.61 0.88
CA CYS B 214 11.44 -7.71 1.16
C CYS B 214 11.15 -7.96 2.63
N PHE B 215 12.17 -8.22 3.44
CA PHE B 215 12.03 -8.41 4.88
C PHE B 215 12.43 -7.16 5.66
N GLU B 216 12.34 -5.98 5.04
CA GLU B 216 12.82 -4.77 5.69
C GLU B 216 12.05 -4.45 6.96
N GLY B 217 10.74 -4.62 6.95
CA GLY B 217 9.89 -4.24 8.05
C GLY B 217 9.79 -5.24 9.18
N VAL B 218 10.49 -6.37 9.11
CA VAL B 218 10.40 -7.37 10.15
C VAL B 218 10.83 -6.76 11.48
N THR B 219 10.06 -7.02 12.54
CA THR B 219 10.32 -6.40 13.83
C THR B 219 11.65 -6.85 14.43
N ALA B 220 11.96 -8.13 14.35
CA ALA B 220 13.21 -8.65 14.91
C ALA B 220 13.66 -9.85 14.11
N ILE B 221 14.94 -10.17 14.22
CA ILE B 221 15.55 -11.28 13.50
C ILE B 221 16.04 -12.30 14.54
N ILE B 222 15.58 -13.54 14.39
CA ILE B 222 16.02 -14.64 15.24
C ILE B 222 17.18 -15.34 14.55
N PHE B 223 18.29 -15.51 15.27
CA PHE B 223 19.52 -16.07 14.72
C PHE B 223 19.93 -17.26 15.58
N CYS B 224 19.88 -18.46 15.00
CA CYS B 224 20.22 -19.68 15.72
C CYS B 224 21.65 -20.08 15.36
N VAL B 225 22.52 -20.15 16.36
CA VAL B 225 23.91 -20.56 16.19
C VAL B 225 24.18 -21.70 17.16
N ALA B 226 24.77 -22.78 16.66
CA ALA B 226 25.09 -23.93 17.49
C ALA B 226 26.54 -23.84 17.95
N LEU B 227 26.81 -24.42 19.13
CA LEU B 227 28.14 -24.43 19.71
C LEU B 227 28.83 -25.79 19.57
N SER B 228 28.42 -26.59 18.59
CA SER B 228 28.90 -27.95 18.39
C SER B 228 29.18 -28.22 16.92
N ASP B 229 29.83 -27.27 16.24
CA ASP B 229 30.04 -27.37 14.80
C ASP B 229 31.51 -27.39 14.40
N TYR B 230 32.44 -27.48 15.35
CA TYR B 230 33.85 -27.44 15.01
C TYR B 230 34.27 -28.62 14.14
N ASP B 231 33.67 -29.79 14.35
CA ASP B 231 34.16 -31.01 13.72
C ASP B 231 34.00 -31.01 12.21
N LEU B 232 32.98 -30.34 11.68
CA LEU B 232 32.64 -30.44 10.26
C LEU B 232 33.44 -29.41 9.47
N VAL B 233 34.23 -29.89 8.51
CA VAL B 233 35.03 -29.03 7.63
C VAL B 233 34.82 -29.52 6.21
N LEU B 234 34.49 -28.60 5.31
CA LEU B 234 34.27 -28.93 3.90
C LEU B 234 35.46 -28.48 3.06
N ASN B 241 34.97 -25.50 9.51
CA ASN B 241 34.86 -24.04 9.40
C ASN B 241 33.42 -23.56 9.56
N ARG B 242 32.56 -24.38 10.16
CA ARG B 242 31.15 -24.03 10.31
C ARG B 242 30.91 -22.88 11.26
N MET B 243 31.65 -22.84 12.37
CA MET B 243 31.45 -21.79 13.36
C MET B 243 31.78 -20.46 12.68
N HIS B 244 32.75 -20.46 11.76
CA HIS B 244 33.14 -19.23 11.06
C HIS B 244 32.16 -18.87 9.95
N ALA B 245 31.52 -19.87 9.32
CA ALA B 245 30.44 -19.57 8.40
C ALA B 245 29.29 -18.87 9.13
N SER B 246 28.97 -19.34 10.34
CA SER B 246 27.96 -18.66 11.15
C SER B 246 28.40 -17.25 11.49
N MET B 247 29.68 -17.06 11.80
CA MET B 247 30.18 -15.72 12.07
C MET B 247 29.98 -14.81 10.87
N LYS B 248 30.35 -15.29 9.68
CA LYS B 248 30.18 -14.49 8.47
C LYS B 248 28.72 -14.15 8.24
N LEU B 249 27.84 -15.14 8.39
CA LEU B 249 26.42 -14.90 8.16
C LEU B 249 25.87 -13.89 9.15
N PHE B 250 26.28 -14.00 10.43
CA PHE B 250 25.84 -13.05 11.43
C PHE B 250 26.32 -11.64 11.10
N ASP B 251 27.58 -11.51 10.67
CA ASP B 251 28.09 -10.19 10.30
C ASP B 251 27.28 -9.60 9.16
N SER B 252 27.05 -10.40 8.11
CA SER B 252 26.32 -9.90 6.94
C SER B 252 24.89 -9.51 7.31
N ILE B 253 24.24 -10.31 8.15
CA ILE B 253 22.84 -10.07 8.45
C ILE B 253 22.70 -8.92 9.45
N CYS B 254 23.67 -8.73 10.33
CA CYS B 254 23.60 -7.64 11.30
C CYS B 254 23.92 -6.31 10.66
N ASN B 255 24.85 -6.30 9.70
CA ASN B 255 25.27 -5.04 9.08
C ASN B 255 24.58 -4.75 7.77
N ASN B 256 23.63 -5.60 7.36
CA ASN B 256 22.91 -5.35 6.12
C ASN B 256 22.21 -4.00 6.18
N LYS B 257 22.21 -3.29 5.06
CA LYS B 257 21.61 -1.96 5.02
C LYS B 257 20.10 -2.01 5.20
N TRP B 258 19.47 -3.18 5.03
CA TRP B 258 18.04 -3.30 5.24
C TRP B 258 17.69 -3.56 6.71
N PHE B 259 18.65 -3.93 7.53
CA PHE B 259 18.41 -4.28 8.93
C PHE B 259 19.18 -3.36 9.87
N THR B 260 19.21 -2.06 9.55
CA THR B 260 19.88 -1.11 10.43
C THR B 260 19.17 -1.00 11.77
N ASP B 261 17.84 -0.95 11.76
CA ASP B 261 17.07 -0.82 12.98
C ASP B 261 16.58 -2.14 13.53
N THR B 262 16.49 -3.18 12.69
CA THR B 262 15.94 -4.46 13.11
C THR B 262 16.89 -5.12 14.11
N SER B 263 16.45 -5.23 15.37
CA SER B 263 17.26 -5.89 16.38
C SER B 263 17.33 -7.39 16.11
N ILE B 264 18.34 -8.03 16.69
CA ILE B 264 18.62 -9.45 16.46
C ILE B 264 18.48 -10.19 17.77
N ILE B 265 18.03 -11.45 17.68
CA ILE B 265 17.82 -12.29 18.85
C ILE B 265 18.63 -13.56 18.64
N LEU B 266 19.74 -13.69 19.36
CA LEU B 266 20.60 -14.86 19.21
C LEU B 266 20.06 -16.03 20.03
N PHE B 267 20.20 -17.24 19.49
CA PHE B 267 19.94 -18.47 20.21
C PHE B 267 21.17 -19.36 20.10
N LEU B 268 21.94 -19.45 21.18
CA LEU B 268 23.16 -20.25 21.21
C LEU B 268 22.76 -21.69 21.53
N ASN B 269 22.36 -22.41 20.49
CA ASN B 269 21.79 -23.74 20.65
C ASN B 269 22.87 -24.75 21.04
N LYS B 270 22.44 -26.01 21.18
CA LYS B 270 23.32 -27.14 21.45
C LYS B 270 24.18 -26.93 22.69
N LYS B 271 23.64 -26.26 23.71
CA LYS B 271 24.40 -26.01 24.93
C LYS B 271 24.70 -27.29 25.68
N ASP B 272 23.74 -28.22 25.73
CA ASP B 272 23.89 -29.43 26.53
C ASP B 272 25.11 -30.24 26.10
N LEU B 273 25.10 -30.75 24.87
CA LEU B 273 26.22 -31.56 24.39
C LEU B 273 27.49 -30.76 24.22
N PHE B 274 27.39 -29.43 24.12
CA PHE B 274 28.57 -28.59 24.08
C PHE B 274 29.42 -28.79 25.34
N GLU B 275 28.79 -29.14 26.46
CA GLU B 275 29.51 -29.30 27.71
C GLU B 275 30.58 -30.39 27.60
N GLU B 276 30.24 -31.51 26.96
CA GLU B 276 31.23 -32.56 26.76
C GLU B 276 32.05 -32.34 25.49
N LYS B 277 31.49 -31.68 24.47
CA LYS B 277 32.26 -31.44 23.26
C LYS B 277 33.44 -30.51 23.53
N ILE B 278 33.26 -29.51 24.39
CA ILE B 278 34.39 -28.65 24.75
C ILE B 278 35.45 -29.44 25.49
N LYS B 279 35.03 -30.38 26.33
CA LYS B 279 36.00 -31.25 27.01
C LYS B 279 36.78 -32.08 25.99
N LYS B 280 36.08 -32.61 24.99
CA LYS B 280 36.77 -33.39 23.95
C LYS B 280 37.76 -32.53 23.19
N SER B 281 37.38 -31.29 22.86
CA SER B 281 38.22 -30.38 22.10
C SER B 281 38.21 -29.03 22.79
N PRO B 282 39.26 -28.66 23.52
CA PRO B 282 39.32 -27.32 24.12
C PRO B 282 39.09 -26.24 23.08
N LEU B 283 38.83 -25.03 23.57
CA LEU B 283 38.52 -23.91 22.69
C LEU B 283 39.73 -23.48 21.87
N THR B 284 40.92 -23.98 22.19
CA THR B 284 42.12 -23.59 21.44
C THR B 284 42.00 -23.90 19.96
N ILE B 285 41.18 -24.91 19.62
CA ILE B 285 41.06 -25.31 18.22
C ILE B 285 40.36 -24.26 17.38
N CYS B 286 39.68 -23.30 17.99
CA CYS B 286 38.89 -22.30 17.26
C CYS B 286 39.35 -20.88 17.52
N TYR B 287 39.76 -20.55 18.74
CA TYR B 287 40.18 -19.20 19.12
C TYR B 287 41.58 -19.28 19.73
N PRO B 288 42.62 -19.25 18.90
CA PRO B 288 43.98 -19.20 19.44
C PRO B 288 44.28 -17.95 20.25
N GLU B 289 43.49 -16.89 20.07
CA GLU B 289 43.65 -15.67 20.87
C GLU B 289 42.91 -15.74 22.19
N TYR B 290 42.18 -16.82 22.45
CA TYR B 290 41.41 -16.93 23.69
C TYR B 290 42.36 -16.96 24.88
N ALA B 291 42.09 -16.11 25.88
CA ALA B 291 42.96 -15.98 27.03
C ALA B 291 42.40 -16.62 28.29
N GLY B 292 41.09 -16.90 28.33
CA GLY B 292 40.48 -17.47 29.51
C GLY B 292 40.72 -18.96 29.63
N SER B 293 40.17 -19.54 30.69
CA SER B 293 40.30 -20.97 30.93
C SER B 293 39.29 -21.75 30.09
N ASN B 294 39.63 -23.01 29.81
CA ASN B 294 38.78 -23.88 28.99
C ASN B 294 37.65 -24.47 29.82
N THR B 295 36.73 -23.60 30.23
CA THR B 295 35.56 -23.97 31.01
C THR B 295 34.32 -23.36 30.38
N TYR B 296 33.19 -24.04 30.55
CA TYR B 296 31.94 -23.61 29.94
C TYR B 296 31.57 -22.18 30.34
N GLU B 297 31.62 -21.89 31.64
CA GLU B 297 31.18 -20.59 32.12
C GLU B 297 31.95 -19.46 31.47
N GLU B 298 33.22 -19.69 31.12
CA GLU B 298 34.04 -18.68 30.47
C GLU B 298 33.89 -18.71 28.96
N ALA B 299 33.89 -19.90 28.36
CA ALA B 299 33.83 -20.01 26.90
C ALA B 299 32.51 -19.48 26.36
N ALA B 300 31.40 -19.77 27.04
CA ALA B 300 30.11 -19.29 26.58
C ALA B 300 30.06 -17.77 26.57
N ALA B 301 30.54 -17.15 27.66
CA ALA B 301 30.57 -15.68 27.71
C ALA B 301 31.49 -15.13 26.64
N TYR B 302 32.65 -15.76 26.43
CA TYR B 302 33.57 -15.28 25.41
C TYR B 302 32.92 -15.32 24.03
N ILE B 303 32.21 -16.40 23.73
CA ILE B 303 31.54 -16.52 22.44
C ILE B 303 30.45 -15.46 22.31
N GLN B 304 29.70 -15.22 23.39
CA GLN B 304 28.65 -14.21 23.35
C GLN B 304 29.24 -12.83 23.05
N CYS B 305 30.34 -12.48 23.72
CA CYS B 305 30.96 -11.18 23.45
C CYS B 305 31.53 -11.13 22.04
N GLN B 306 32.06 -12.25 21.55
CA GLN B 306 32.57 -12.28 20.18
C GLN B 306 31.46 -12.00 19.18
N PHE B 307 30.29 -12.61 19.40
CA PHE B 307 29.17 -12.39 18.48
C PHE B 307 28.65 -10.96 18.59
N GLU B 308 28.50 -10.44 19.82
CA GLU B 308 27.95 -9.09 19.96
C GLU B 308 28.91 -8.03 19.45
N ASP B 309 30.22 -8.25 19.59
CA ASP B 309 31.21 -7.32 19.06
C ASP B 309 31.11 -7.21 17.55
N LEU B 310 30.69 -8.29 16.88
CA LEU B 310 30.59 -8.28 15.42
C LEU B 310 29.65 -7.19 14.92
N ASN B 311 28.75 -6.71 15.77
CA ASN B 311 27.84 -5.63 15.39
C ASN B 311 28.65 -4.37 15.11
N LYS B 312 28.62 -3.89 13.87
CA LYS B 312 29.38 -2.70 13.50
C LYS B 312 28.65 -1.41 13.92
N ARG B 313 27.40 -1.51 14.34
CA ARG B 313 26.62 -0.34 14.74
C ARG B 313 25.91 -0.68 16.06
N LYS B 314 26.54 -0.28 17.16
CA LYS B 314 26.03 -0.65 18.48
C LYS B 314 24.74 0.10 18.80
N ASP B 315 24.67 1.39 18.48
CA ASP B 315 23.60 2.24 18.98
C ASP B 315 22.27 1.95 18.28
N THR B 316 22.30 1.76 16.96
CA THR B 316 21.05 1.69 16.20
C THR B 316 20.24 0.46 16.60
N LYS B 317 20.87 -0.69 16.75
CA LYS B 317 20.16 -1.94 17.00
C LYS B 317 20.85 -2.69 18.13
N GLU B 318 20.05 -3.37 18.96
CA GLU B 318 20.56 -4.16 20.06
C GLU B 318 20.47 -5.65 19.73
N ILE B 319 21.25 -6.45 20.46
CA ILE B 319 21.32 -7.89 20.27
C ILE B 319 20.97 -8.57 21.59
N TYR B 320 20.04 -9.52 21.53
CA TYR B 320 19.61 -10.28 22.69
C TYR B 320 20.09 -11.72 22.55
N THR B 321 20.80 -12.21 23.57
CA THR B 321 21.42 -13.52 23.53
C THR B 321 20.76 -14.44 24.54
N HIS B 322 20.59 -15.71 24.17
CA HIS B 322 19.99 -16.71 25.04
C HIS B 322 20.59 -18.07 24.73
N PHE B 323 20.90 -18.83 25.78
CA PHE B 323 21.48 -20.16 25.65
C PHE B 323 20.35 -21.17 25.84
N THR B 324 19.71 -21.52 24.72
CA THR B 324 18.48 -22.31 24.80
C THR B 324 18.70 -23.67 25.45
N CYS B 325 19.73 -24.40 25.03
CA CYS B 325 20.01 -25.73 25.58
C CYS B 325 18.85 -26.68 25.37
N SER B 326 18.06 -26.47 24.31
CA SER B 326 16.93 -27.35 24.00
C SER B 326 15.88 -27.34 25.11
N THR B 327 15.75 -26.22 25.80
CA THR B 327 14.69 -26.07 26.79
C THR B 327 13.34 -25.86 26.09
N ASP B 328 12.27 -26.09 26.84
CA ASP B 328 10.92 -26.10 26.26
C ASP B 328 10.24 -24.75 26.35
N THR B 329 10.08 -24.21 27.56
CA THR B 329 9.26 -23.02 27.74
C THR B 329 10.09 -21.74 27.70
N LYS B 330 11.39 -21.84 27.97
CA LYS B 330 12.21 -20.63 28.03
C LYS B 330 12.40 -20.00 26.66
N ASN B 331 12.34 -20.80 25.59
CA ASN B 331 12.56 -20.24 24.25
C ASN B 331 11.47 -19.22 23.89
N VAL B 332 10.20 -19.63 24.01
CA VAL B 332 9.11 -18.73 23.65
C VAL B 332 9.06 -17.55 24.61
N GLN B 333 9.33 -17.81 25.89
CA GLN B 333 9.31 -16.72 26.86
C GLN B 333 10.37 -15.68 26.55
N PHE B 334 11.58 -16.13 26.17
CA PHE B 334 12.64 -15.21 25.80
C PHE B 334 12.28 -14.46 24.53
N VAL B 335 11.70 -15.14 23.55
CA VAL B 335 11.29 -14.44 22.32
C VAL B 335 10.28 -13.36 22.66
N PHE B 336 9.32 -13.66 23.55
CA PHE B 336 8.33 -12.68 23.94
C PHE B 336 8.96 -11.50 24.68
N ASP B 337 9.89 -11.78 25.59
CA ASP B 337 10.54 -10.69 26.33
C ASP B 337 11.33 -9.79 25.39
N ALA B 338 12.11 -10.37 24.49
CA ALA B 338 12.87 -9.58 23.54
C ALA B 338 11.94 -8.77 22.64
N VAL B 339 10.85 -9.39 22.19
CA VAL B 339 9.92 -8.70 21.30
C VAL B 339 9.27 -7.53 22.00
N THR B 340 8.84 -7.73 23.26
CA THR B 340 8.18 -6.64 23.97
C THR B 340 9.16 -5.52 24.28
N ASP B 341 10.41 -5.86 24.59
CA ASP B 341 11.42 -4.81 24.76
C ASP B 341 11.65 -4.04 23.47
N VAL B 342 11.71 -4.75 22.34
CA VAL B 342 11.91 -4.10 21.06
C VAL B 342 10.73 -3.19 20.74
N ILE B 343 9.52 -3.65 21.01
CA ILE B 343 8.33 -2.83 20.74
C ILE B 343 8.31 -1.60 21.64
N ILE B 344 8.69 -1.76 22.91
CA ILE B 344 8.73 -0.62 23.82
C ILE B 344 9.72 0.41 23.31
N LYS B 345 10.91 -0.04 22.90
CA LYS B 345 11.90 0.90 22.40
C LYS B 345 11.46 1.54 21.09
N ASN B 346 10.77 0.79 20.23
CA ASN B 346 10.25 1.38 18.99
C ASN B 346 9.23 2.48 19.30
N ASN B 347 8.33 2.23 20.25
CA ASN B 347 7.37 3.25 20.63
C ASN B 347 8.06 4.46 21.25
N LEU B 348 9.06 4.23 22.10
CA LEU B 348 9.84 5.34 22.66
C LEU B 348 10.48 6.17 21.56
N LYS B 349 11.05 5.52 20.56
CA LYS B 349 11.62 6.26 19.43
C LYS B 349 10.54 7.05 18.69
N ASP B 350 9.39 6.42 18.44
CA ASP B 350 8.31 7.09 17.72
C ASP B 350 7.73 8.26 18.50
N CYS B 351 7.51 8.11 19.80
CA CYS B 351 6.89 9.18 20.59
C CYS B 351 7.90 10.24 21.04
N GLY B 352 9.19 10.02 20.84
CA GLY B 352 10.19 11.02 21.10
C GLY B 352 10.93 10.89 22.43
N LEU B 353 10.57 9.91 23.27
CA LEU B 353 11.28 9.75 24.53
C LEU B 353 12.73 9.36 24.32
N PHE B 354 13.00 8.48 23.36
CA PHE B 354 14.38 8.16 22.98
C PHE B 354 14.95 9.25 22.09
N LEU C 9 39.32 -32.93 -20.72
CA LEU C 9 38.39 -31.87 -20.24
C LEU C 9 38.84 -30.49 -20.72
N ASP C 10 40.16 -30.27 -20.70
CA ASP C 10 40.69 -28.98 -21.12
C ASP C 10 40.38 -28.70 -22.59
N GLN C 11 40.23 -29.75 -23.40
CA GLN C 11 39.89 -29.55 -24.80
C GLN C 11 38.55 -28.85 -24.94
N LEU C 12 37.57 -29.23 -24.11
CA LEU C 12 36.28 -28.57 -24.15
C LEU C 12 36.40 -27.09 -23.79
N ARG C 13 37.22 -26.78 -22.79
CA ARG C 13 37.43 -25.38 -22.42
C ARG C 13 38.07 -24.61 -23.55
N GLN C 14 39.07 -25.18 -24.21
CA GLN C 14 39.70 -24.51 -25.34
C GLN C 14 38.71 -24.30 -26.48
N GLU C 15 37.89 -25.30 -26.76
CA GLU C 15 36.89 -25.16 -27.81
C GLU C 15 35.88 -24.06 -27.47
N ALA C 16 35.45 -23.99 -26.21
CA ALA C 16 34.53 -22.95 -25.79
C ALA C 16 35.16 -21.57 -25.94
N GLU C 17 36.43 -21.44 -25.55
CA GLU C 17 37.12 -20.16 -25.70
C GLU C 17 37.23 -19.77 -27.17
N GLN C 18 37.55 -20.74 -28.03
CA GLN C 18 37.64 -20.45 -29.46
C GLN C 18 36.29 -20.00 -30.01
N LEU C 19 35.22 -20.68 -29.59
CA LEU C 19 33.88 -20.32 -30.06
C LEU C 19 33.50 -18.93 -29.58
N LYS C 20 33.82 -18.58 -28.34
CA LYS C 20 33.54 -17.25 -27.83
C LYS C 20 34.32 -16.19 -28.61
N ASN C 21 35.58 -16.48 -28.92
CA ASN C 21 36.37 -15.54 -29.72
C ASN C 21 35.78 -15.37 -31.11
N GLN C 22 35.32 -16.47 -31.72
CA GLN C 22 34.68 -16.39 -33.02
C GLN C 22 33.41 -15.55 -32.96
N ILE C 23 32.61 -15.73 -31.91
CA ILE C 23 31.41 -14.92 -31.73
C ILE C 23 31.77 -13.45 -31.61
N ARG C 24 32.79 -13.14 -30.82
CA ARG C 24 33.23 -11.76 -30.66
C ARG C 24 33.65 -11.17 -31.99
N ASP C 25 34.44 -11.92 -32.77
CA ASP C 25 34.90 -11.41 -34.06
C ASP C 25 33.73 -11.19 -35.01
N ALA C 26 32.79 -12.13 -35.04
CA ALA C 26 31.64 -11.99 -35.93
C ALA C 26 30.80 -10.78 -35.56
N ARG C 27 30.57 -10.56 -34.26
CA ARG C 27 29.81 -9.40 -33.83
C ARG C 27 30.56 -8.10 -34.13
N LYS C 28 31.89 -8.12 -33.99
CA LYS C 28 32.69 -6.95 -34.33
C LYS C 28 32.57 -6.61 -35.81
N ALA C 29 32.58 -7.64 -36.67
CA ALA C 29 32.49 -7.38 -38.10
C ALA C 29 31.17 -6.71 -38.47
N CYS C 30 30.09 -6.98 -37.73
CA CYS C 30 28.79 -6.43 -38.08
C CYS C 30 28.68 -4.96 -37.72
N ALA C 31 29.39 -4.51 -36.69
CA ALA C 31 29.25 -3.13 -36.20
C ALA C 31 29.95 -2.18 -37.17
N ASP C 32 29.30 -1.96 -38.31
CA ASP C 32 29.84 -1.03 -39.30
C ASP C 32 29.61 0.42 -38.90
N ALA C 33 28.47 0.71 -38.27
CA ALA C 33 28.13 2.08 -37.87
C ALA C 33 27.33 2.03 -36.58
N THR C 34 27.75 2.80 -35.58
CA THR C 34 27.05 2.83 -34.30
C THR C 34 25.69 3.49 -34.46
N LEU C 35 24.75 3.10 -33.59
CA LEU C 35 23.42 3.70 -33.62
C LEU C 35 23.47 5.20 -33.38
N SER C 36 24.39 5.63 -32.50
CA SER C 36 24.48 7.05 -32.19
C SER C 36 24.80 7.87 -33.43
N GLN C 37 25.76 7.41 -34.24
CA GLN C 37 26.14 8.17 -35.43
C GLN C 37 24.98 8.30 -36.40
N ILE C 38 24.27 7.19 -36.66
CA ILE C 38 23.18 7.24 -37.64
C ILE C 38 22.01 8.06 -37.12
N THR C 39 21.72 7.99 -35.82
CA THR C 39 20.59 8.72 -35.26
C THR C 39 20.91 10.16 -34.89
N ASN C 40 22.18 10.56 -34.96
CA ASN C 40 22.53 11.94 -34.63
C ASN C 40 21.78 12.94 -35.51
N ASN C 41 21.46 12.57 -36.74
CA ASN C 41 20.84 13.52 -37.66
C ASN C 41 19.43 13.90 -37.23
N ILE C 42 18.66 12.95 -36.70
CA ILE C 42 17.25 13.20 -36.41
C ILE C 42 17.13 14.30 -35.35
N ASP C 43 16.02 15.02 -35.38
CA ASP C 43 15.77 16.06 -34.40
C ASP C 43 15.57 15.42 -33.03
N PRO C 44 16.00 16.07 -31.95
CA PRO C 44 15.83 15.47 -30.62
C PRO C 44 14.45 15.77 -30.05
N VAL C 45 13.92 14.80 -29.31
CA VAL C 45 12.64 14.98 -28.64
C VAL C 45 12.81 15.99 -27.52
N GLY C 46 11.92 16.98 -27.46
CA GLY C 46 11.99 17.98 -26.43
C GLY C 46 11.70 17.41 -25.06
N ARG C 47 11.91 18.25 -24.05
CA ARG C 47 11.66 17.82 -22.68
C ARG C 47 10.24 17.30 -22.54
N ILE C 48 10.09 16.15 -21.90
CA ILE C 48 8.80 15.46 -21.80
C ILE C 48 8.23 15.78 -20.43
N GLN C 49 7.12 16.50 -20.40
CA GLN C 49 6.47 16.88 -19.16
C GLN C 49 5.27 15.97 -18.93
N MET C 50 5.27 15.27 -17.80
CA MET C 50 4.19 14.37 -17.43
C MET C 50 3.75 14.66 -16.00
N ARG C 51 2.44 14.60 -15.77
CA ARG C 51 1.85 14.88 -14.46
C ARG C 51 0.99 13.71 -14.02
N THR C 52 0.88 13.53 -12.71
CA THR C 52 0.12 12.43 -12.15
C THR C 52 -1.38 12.67 -12.30
N ARG C 53 -1.99 12.02 -13.29
CA ARG C 53 -3.44 12.16 -13.47
C ARG C 53 -4.20 11.43 -12.36
N ARG C 54 -3.70 10.28 -11.93
CA ARG C 54 -4.33 9.49 -10.89
C ARG C 54 -3.28 9.08 -9.85
N THR C 55 -3.73 8.94 -8.60
CA THR C 55 -2.94 8.37 -7.53
C THR C 55 -3.74 7.24 -6.92
N LEU C 56 -3.31 6.00 -7.19
CA LEU C 56 -4.10 4.83 -6.81
C LEU C 56 -3.63 4.33 -5.44
N ARG C 57 -4.04 5.06 -4.41
CA ARG C 57 -3.73 4.67 -3.04
C ARG C 57 -4.66 3.55 -2.59
N GLY C 58 -4.25 2.86 -1.51
CA GLY C 58 -5.02 1.75 -0.99
C GLY C 58 -4.15 0.61 -0.53
N HIS C 59 -2.99 0.44 -1.15
CA HIS C 59 -2.04 -0.55 -0.68
C HIS C 59 -1.38 -0.07 0.62
N LEU C 60 -1.10 -1.03 1.51
CA LEU C 60 -0.50 -0.73 2.80
C LEU C 60 0.88 -1.37 2.95
N ALA C 61 1.61 -1.52 1.85
CA ALA C 61 2.95 -2.08 1.87
C ALA C 61 3.59 -1.82 0.52
N LYS C 62 4.79 -2.37 0.33
CA LYS C 62 5.57 -2.10 -0.87
C LYS C 62 4.90 -2.72 -2.10
N ILE C 63 4.78 -1.93 -3.16
CA ILE C 63 4.34 -2.46 -4.45
C ILE C 63 5.52 -3.12 -5.13
N TYR C 64 5.35 -4.37 -5.55
CA TYR C 64 6.44 -5.11 -6.18
C TYR C 64 6.24 -5.39 -7.65
N ALA C 65 5.03 -5.23 -8.17
CA ALA C 65 4.79 -5.46 -9.59
C ALA C 65 3.39 -5.01 -9.95
N MET C 66 3.21 -4.71 -11.24
CA MET C 66 1.91 -4.32 -11.76
C MET C 66 1.86 -4.68 -13.24
N HIS C 67 0.64 -4.79 -13.76
CA HIS C 67 0.44 -5.13 -15.16
C HIS C 67 -0.86 -4.50 -15.64
N TRP C 68 -0.85 -3.99 -16.87
CA TRP C 68 -2.03 -3.41 -17.49
C TRP C 68 -2.84 -4.47 -18.21
N GLY C 69 -4.15 -4.23 -18.29
CA GLY C 69 -4.98 -5.03 -19.15
C GLY C 69 -4.87 -4.58 -20.59
N THR C 70 -5.16 -5.49 -21.52
CA THR C 70 -5.08 -5.14 -22.94
C THR C 70 -6.09 -4.06 -23.32
N ASP C 71 -7.10 -3.82 -22.48
CA ASP C 71 -8.06 -2.76 -22.73
C ASP C 71 -7.56 -1.39 -22.28
N SER C 72 -6.39 -1.33 -21.64
CA SER C 72 -5.76 -0.07 -21.25
C SER C 72 -6.53 0.64 -20.14
N ARG C 73 -7.55 0.00 -19.59
CA ARG C 73 -8.33 0.60 -18.50
C ARG C 73 -8.11 -0.11 -17.17
N LEU C 74 -7.88 -1.42 -17.19
CA LEU C 74 -7.72 -2.17 -15.96
C LEU C 74 -6.25 -2.53 -15.75
N LEU C 75 -5.80 -2.38 -14.51
CA LEU C 75 -4.44 -2.75 -14.13
C LEU C 75 -4.48 -3.47 -12.78
N VAL C 76 -3.48 -4.30 -12.54
CA VAL C 76 -3.36 -5.06 -11.31
C VAL C 76 -2.02 -4.72 -10.66
N SER C 77 -1.99 -4.76 -9.33
CA SER C 77 -0.79 -4.46 -8.57
C SER C 77 -0.68 -5.42 -7.40
N ALA C 78 0.53 -5.89 -7.13
CA ALA C 78 0.81 -6.82 -6.05
C ALA C 78 1.76 -6.17 -5.06
N SER C 79 1.62 -6.54 -3.78
CA SER C 79 2.43 -5.92 -2.74
C SER C 79 2.61 -6.90 -1.58
N GLN C 80 3.53 -6.55 -0.69
CA GLN C 80 3.85 -7.41 0.45
C GLN C 80 2.70 -7.53 1.43
N ASP C 81 1.69 -6.64 1.36
CA ASP C 81 0.54 -6.70 2.30
C ASP C 81 -0.30 -7.94 1.99
N GLY C 82 -0.05 -8.60 0.85
CA GLY C 82 -0.74 -9.85 0.54
C GLY C 82 -1.98 -9.71 -0.29
N LYS C 83 -2.17 -8.58 -0.99
CA LYS C 83 -3.38 -8.33 -1.77
C LYS C 83 -3.02 -8.00 -3.20
N LEU C 84 -3.75 -8.59 -4.14
CA LEU C 84 -3.77 -8.14 -5.52
C LEU C 84 -4.98 -7.24 -5.72
N ILE C 85 -4.75 -6.00 -6.13
CA ILE C 85 -5.82 -5.02 -6.33
C ILE C 85 -5.92 -4.76 -7.83
N ILE C 86 -7.11 -4.97 -8.38
CA ILE C 86 -7.39 -4.69 -9.78
C ILE C 86 -8.11 -3.35 -9.84
N TRP C 87 -7.44 -2.34 -10.38
CA TRP C 87 -7.93 -0.98 -10.37
C TRP C 87 -8.62 -0.66 -11.68
N ASP C 88 -9.66 0.18 -11.60
CA ASP C 88 -10.22 0.82 -12.80
C ASP C 88 -9.46 2.12 -12.99
N SER C 89 -8.56 2.14 -13.98
CA SER C 89 -7.63 3.25 -14.12
C SER C 89 -8.37 4.57 -14.31
N TYR C 90 -9.42 4.58 -15.12
CA TYR C 90 -10.08 5.83 -15.47
C TYR C 90 -10.78 6.48 -14.29
N THR C 91 -11.11 5.72 -13.25
CA THR C 91 -11.87 6.25 -12.12
C THR C 91 -11.25 5.93 -10.78
N THR C 92 -10.11 5.24 -10.74
CA THR C 92 -9.39 4.96 -9.50
C THR C 92 -10.16 3.98 -8.62
N ASN C 93 -11.24 3.41 -9.15
CA ASN C 93 -12.05 2.47 -8.38
C ASN C 93 -11.36 1.13 -8.30
N LYS C 94 -11.53 0.44 -7.16
CA LYS C 94 -11.11 -0.95 -7.06
C LYS C 94 -12.15 -1.83 -7.74
N VAL C 95 -11.69 -2.75 -8.58
CA VAL C 95 -12.59 -3.73 -9.19
C VAL C 95 -12.55 -5.05 -8.44
N HIS C 96 -11.40 -5.39 -7.84
CA HIS C 96 -11.25 -6.62 -7.09
C HIS C 96 -10.13 -6.44 -6.07
N ALA C 97 -10.11 -7.33 -5.08
CA ALA C 97 -9.06 -7.36 -4.07
C ALA C 97 -8.85 -8.82 -3.68
N ILE C 98 -7.88 -9.46 -4.32
CA ILE C 98 -7.62 -10.88 -4.09
C ILE C 98 -6.67 -11.02 -2.91
N PRO C 99 -7.05 -11.73 -1.84
CA PRO C 99 -6.10 -11.96 -0.73
C PRO C 99 -5.22 -13.16 -1.04
N LEU C 100 -3.91 -12.92 -1.15
CA LEU C 100 -2.98 -13.96 -1.53
C LEU C 100 -2.77 -14.95 -0.37
N ARG C 101 -2.53 -16.21 -0.72
CA ARG C 101 -2.18 -17.20 0.29
C ARG C 101 -0.86 -16.86 0.95
N SER C 102 0.13 -16.47 0.16
CA SER C 102 1.44 -16.05 0.65
C SER C 102 1.62 -14.57 0.32
N SER C 103 1.97 -13.78 1.33
CA SER C 103 2.08 -12.34 1.17
C SER C 103 3.41 -11.90 0.55
N TRP C 104 4.28 -12.84 0.20
CA TRP C 104 5.58 -12.51 -0.39
C TRP C 104 5.52 -12.54 -1.91
N VAL C 105 4.64 -11.73 -2.47
CA VAL C 105 4.41 -11.68 -3.92
C VAL C 105 5.47 -10.78 -4.54
N MET C 106 6.18 -11.30 -5.53
CA MET C 106 7.23 -10.55 -6.23
C MET C 106 6.87 -10.24 -7.68
N THR C 107 5.68 -10.64 -8.14
CA THR C 107 5.31 -10.40 -9.53
C THR C 107 3.81 -10.55 -9.68
N CYS C 108 3.29 -10.09 -10.81
CA CYS C 108 1.89 -10.26 -11.16
C CYS C 108 1.75 -10.16 -12.67
N ALA C 109 0.61 -10.63 -13.18
CA ALA C 109 0.37 -10.64 -14.62
C ALA C 109 -1.13 -10.60 -14.88
N TYR C 110 -1.50 -9.92 -15.96
CA TYR C 110 -2.89 -9.78 -16.37
C TYR C 110 -3.05 -10.46 -17.73
N ALA C 111 -3.99 -11.39 -17.82
CA ALA C 111 -4.12 -12.19 -19.03
C ALA C 111 -4.55 -11.31 -20.21
N PRO C 112 -4.22 -11.70 -21.44
CA PRO C 112 -4.59 -10.88 -22.59
C PRO C 112 -6.10 -10.66 -22.71
N SER C 113 -6.89 -11.69 -22.41
CA SER C 113 -8.34 -11.59 -22.50
C SER C 113 -8.97 -11.02 -21.23
N GLY C 114 -8.19 -10.83 -20.17
CA GLY C 114 -8.70 -10.25 -18.94
C GLY C 114 -9.40 -11.22 -18.02
N ASN C 115 -9.52 -12.50 -18.41
CA ASN C 115 -10.21 -13.45 -17.55
C ASN C 115 -9.34 -13.84 -16.35
N TYR C 116 -8.05 -14.03 -16.57
CA TYR C 116 -7.15 -14.54 -15.54
C TYR C 116 -6.12 -13.49 -15.15
N VAL C 117 -5.75 -13.50 -13.87
CA VAL C 117 -4.65 -12.71 -13.33
C VAL C 117 -3.82 -13.60 -12.44
N ALA C 118 -2.51 -13.59 -12.64
CA ALA C 118 -1.61 -14.51 -11.96
C ALA C 118 -0.54 -13.74 -11.18
N CYS C 119 0.00 -14.39 -10.16
CA CYS C 119 1.05 -13.79 -9.34
C CYS C 119 1.84 -14.90 -8.66
N GLY C 120 3.03 -14.53 -8.19
CA GLY C 120 3.90 -15.48 -7.50
C GLY C 120 5.00 -14.73 -6.78
N GLY C 121 5.79 -15.48 -6.03
CA GLY C 121 6.88 -14.89 -5.27
C GLY C 121 7.75 -15.90 -4.56
N LEU C 122 8.11 -15.60 -3.31
CA LEU C 122 9.00 -16.49 -2.56
C LEU C 122 8.35 -17.84 -2.29
N ASP C 123 7.03 -17.95 -2.43
CA ASP C 123 6.37 -19.23 -2.22
C ASP C 123 6.69 -20.25 -3.31
N ASN C 124 7.43 -19.82 -4.35
CA ASN C 124 7.91 -20.71 -5.42
C ASN C 124 6.77 -21.22 -6.31
N ILE C 125 5.60 -20.59 -6.25
CA ILE C 125 4.42 -21.09 -6.93
C ILE C 125 3.79 -19.95 -7.72
N CYS C 126 3.35 -20.27 -8.94
CA CYS C 126 2.61 -19.33 -9.79
C CYS C 126 1.13 -19.66 -9.67
N SER C 127 0.35 -18.74 -9.09
CA SER C 127 -1.07 -18.94 -8.89
C SER C 127 -1.86 -18.26 -10.01
N ILE C 128 -2.96 -18.88 -10.40
CA ILE C 128 -3.83 -18.39 -11.47
C ILE C 128 -5.21 -18.15 -10.87
N TYR C 129 -5.78 -16.98 -11.13
CA TYR C 129 -7.06 -16.58 -10.54
C TYR C 129 -8.10 -16.39 -11.63
N ASN C 130 -9.33 -16.82 -11.36
CA ASN C 130 -10.45 -16.58 -12.25
C ASN C 130 -11.11 -15.27 -11.87
N LEU C 131 -11.19 -14.33 -12.81
CA LEU C 131 -11.84 -13.05 -12.56
C LEU C 131 -13.30 -13.03 -12.99
N LYS C 132 -13.73 -13.96 -13.83
CA LYS C 132 -15.08 -14.00 -14.37
C LYS C 132 -15.77 -15.30 -14.02
N THR C 133 -15.64 -15.73 -12.76
CA THR C 133 -16.29 -16.96 -12.33
C THR C 133 -17.78 -16.73 -12.08
N ARG C 134 -18.55 -17.80 -12.18
CA ARG C 134 -19.99 -17.71 -11.99
C ARG C 134 -20.34 -17.29 -10.56
N GLU C 135 -19.63 -17.84 -9.58
CA GLU C 135 -19.94 -17.57 -8.18
C GLU C 135 -19.82 -16.09 -7.83
N GLY C 136 -19.06 -15.33 -8.62
CA GLY C 136 -18.93 -13.90 -8.41
C GLY C 136 -17.73 -13.47 -7.58
N ASN C 137 -17.00 -14.41 -6.98
CA ASN C 137 -15.84 -14.10 -6.18
C ASN C 137 -14.59 -14.66 -6.87
N VAL C 138 -13.64 -13.79 -7.16
CA VAL C 138 -12.38 -14.22 -7.76
C VAL C 138 -11.76 -15.31 -6.91
N ARG C 139 -11.49 -16.45 -7.51
CA ARG C 139 -10.94 -17.62 -6.82
C ARG C 139 -9.76 -18.18 -7.59
N VAL C 140 -8.82 -18.77 -6.87
CA VAL C 140 -7.63 -19.34 -7.50
C VAL C 140 -8.05 -20.50 -8.37
N SER C 141 -7.56 -20.54 -9.60
CA SER C 141 -7.91 -21.61 -10.53
C SER C 141 -6.97 -22.80 -10.39
N ARG C 142 -5.66 -22.55 -10.46
CA ARG C 142 -4.67 -23.61 -10.30
C ARG C 142 -3.38 -23.01 -9.76
N GLU C 143 -2.63 -23.82 -9.02
CA GLU C 143 -1.34 -23.42 -8.46
C GLU C 143 -0.25 -24.18 -9.19
N LEU C 144 0.58 -23.46 -9.94
CA LEU C 144 1.61 -24.07 -10.78
C LEU C 144 2.89 -24.23 -9.95
N ALA C 145 3.05 -25.40 -9.36
CA ALA C 145 4.25 -25.73 -8.60
C ALA C 145 5.24 -26.49 -9.48
N GLY C 146 6.49 -26.48 -9.05
CA GLY C 146 7.54 -27.18 -9.77
C GLY C 146 8.86 -26.43 -9.78
N HIS C 147 8.82 -25.14 -9.48
CA HIS C 147 10.03 -24.33 -9.45
C HIS C 147 10.77 -24.54 -8.13
N THR C 148 12.07 -24.25 -8.15
CA THR C 148 12.92 -24.39 -6.96
C THR C 148 13.36 -23.07 -6.36
N GLY C 149 13.11 -21.96 -7.05
CA GLY C 149 13.50 -20.66 -6.54
C GLY C 149 12.38 -19.65 -6.71
N TYR C 150 12.47 -18.57 -5.94
CA TYR C 150 11.46 -17.53 -5.95
C TYR C 150 11.11 -17.12 -7.37
N LEU C 151 9.83 -16.80 -7.58
CA LEU C 151 9.38 -16.33 -8.87
C LEU C 151 9.69 -14.85 -9.01
N SER C 152 10.16 -14.45 -10.20
CA SER C 152 10.54 -13.08 -10.46
C SER C 152 9.73 -12.40 -11.55
N CYS C 153 9.09 -13.17 -12.43
CA CYS C 153 8.25 -12.58 -13.47
C CYS C 153 7.36 -13.63 -14.13
N CYS C 154 6.07 -13.32 -14.25
CA CYS C 154 5.11 -14.16 -14.94
C CYS C 154 4.45 -13.35 -16.03
N ARG C 155 4.26 -13.95 -17.21
CA ARG C 155 3.61 -13.28 -18.32
C ARG C 155 2.73 -14.27 -19.06
N PHE C 156 1.46 -13.93 -19.19
CA PHE C 156 0.49 -14.83 -19.81
C PHE C 156 0.71 -14.93 -21.31
N LEU C 157 1.36 -16.01 -21.76
CA LEU C 157 1.50 -16.24 -23.18
C LEU C 157 0.16 -16.46 -23.85
N ASP C 158 -0.75 -17.14 -23.17
CA ASP C 158 -2.08 -17.40 -23.68
C ASP C 158 -3.01 -17.64 -22.49
N ASP C 159 -4.31 -17.64 -22.76
CA ASP C 159 -5.28 -17.87 -21.70
C ASP C 159 -5.15 -19.26 -21.10
N ASN C 160 -4.45 -20.18 -21.78
CA ASN C 160 -4.30 -21.55 -21.32
C ASN C 160 -2.87 -21.93 -20.95
N GLN C 161 -1.86 -21.16 -21.38
CA GLN C 161 -0.48 -21.48 -21.07
C GLN C 161 0.30 -20.20 -20.81
N ILE C 162 1.19 -20.25 -19.81
CA ILE C 162 1.99 -19.10 -19.41
C ILE C 162 3.44 -19.55 -19.26
N VAL C 163 4.34 -18.56 -19.29
CA VAL C 163 5.77 -18.78 -19.15
C VAL C 163 6.24 -18.04 -17.91
N THR C 164 6.97 -18.75 -17.04
CA THR C 164 7.43 -18.21 -15.77
C THR C 164 8.94 -18.24 -15.72
N SER C 165 9.53 -17.22 -15.07
CA SER C 165 10.97 -17.12 -14.85
C SER C 165 11.20 -17.15 -13.34
N SER C 166 11.97 -18.12 -12.88
CA SER C 166 12.17 -18.35 -11.46
C SER C 166 13.53 -17.86 -11.02
N GLY C 167 13.77 -17.96 -9.70
CA GLY C 167 15.04 -17.64 -9.12
C GLY C 167 16.02 -18.77 -9.05
N ASP C 168 15.71 -19.91 -9.69
CA ASP C 168 16.59 -21.06 -9.72
C ASP C 168 17.34 -21.19 -11.04
N THR C 169 17.46 -20.10 -11.78
CA THR C 169 18.19 -20.04 -13.04
C THR C 169 17.42 -20.67 -14.20
N THR C 170 16.12 -20.87 -14.06
CA THR C 170 15.33 -21.58 -15.05
C THR C 170 14.04 -20.85 -15.35
N CYS C 171 13.70 -20.77 -16.63
CA CYS C 171 12.39 -20.31 -17.08
C CYS C 171 11.64 -21.50 -17.66
N ALA C 172 10.36 -21.62 -17.30
CA ALA C 172 9.54 -22.76 -17.70
C ALA C 172 8.23 -22.30 -18.29
N LEU C 173 7.69 -23.10 -19.20
CA LEU C 173 6.40 -22.84 -19.82
C LEU C 173 5.37 -23.81 -19.23
N TRP C 174 4.26 -23.26 -18.75
CA TRP C 174 3.26 -24.03 -18.03
C TRP C 174 2.00 -24.21 -18.86
N ASP C 175 1.39 -25.39 -18.75
CA ASP C 175 0.08 -25.67 -19.30
C ASP C 175 -0.94 -25.53 -18.17
N ILE C 176 -1.75 -24.48 -18.23
CA ILE C 176 -2.62 -24.12 -17.12
C ILE C 176 -3.59 -25.26 -16.83
N GLU C 177 -4.27 -25.74 -17.87
CA GLU C 177 -5.29 -26.78 -17.67
C GLU C 177 -4.70 -28.09 -17.15
N THR C 178 -3.55 -28.49 -17.68
CA THR C 178 -2.90 -29.70 -17.21
C THR C 178 -2.17 -29.47 -15.88
N GLY C 179 -1.48 -28.34 -15.76
CA GLY C 179 -0.82 -27.97 -14.52
C GLY C 179 0.63 -28.35 -14.41
N GLN C 180 1.26 -28.82 -15.49
CA GLN C 180 2.67 -29.18 -15.48
C GLN C 180 3.41 -28.42 -16.58
N GLN C 181 4.67 -28.14 -16.33
CA GLN C 181 5.48 -27.36 -17.26
C GLN C 181 5.86 -28.23 -18.46
N THR C 182 5.35 -27.85 -19.64
CA THR C 182 5.63 -28.64 -20.84
C THR C 182 7.08 -28.51 -21.26
N THR C 183 7.64 -27.30 -21.21
CA THR C 183 9.00 -27.03 -21.65
C THR C 183 9.76 -26.30 -20.56
N THR C 184 11.02 -26.67 -20.37
CA THR C 184 11.90 -26.05 -19.39
C THR C 184 13.08 -25.41 -20.12
N PHE C 185 13.34 -24.14 -19.82
CA PHE C 185 14.44 -23.39 -20.44
C PHE C 185 15.60 -23.29 -19.45
N THR C 186 16.73 -23.86 -19.83
CA THR C 186 17.92 -23.88 -18.96
C THR C 186 19.11 -23.34 -19.74
N GLY C 187 20.08 -22.83 -19.00
CA GLY C 187 21.28 -22.27 -19.60
C GLY C 187 21.78 -21.02 -18.90
N HIS C 188 21.05 -20.56 -17.90
CA HIS C 188 21.43 -19.37 -17.15
C HIS C 188 22.33 -19.77 -15.99
N THR C 189 23.50 -19.14 -15.91
CA THR C 189 24.39 -19.40 -14.78
C THR C 189 23.78 -18.92 -13.47
N GLY C 190 23.16 -17.73 -13.49
CA GLY C 190 22.56 -17.14 -12.32
C GLY C 190 21.04 -17.15 -12.39
N ASP C 191 20.42 -16.79 -11.27
CA ASP C 191 18.97 -16.80 -11.18
C ASP C 191 18.38 -15.72 -12.07
N VAL C 192 17.26 -16.06 -12.72
CA VAL C 192 16.58 -15.15 -13.64
C VAL C 192 15.76 -14.15 -12.85
N MET C 193 15.74 -12.90 -13.32
CA MET C 193 15.10 -11.81 -12.60
C MET C 193 13.93 -11.17 -13.33
N SER C 194 13.85 -11.28 -14.66
CA SER C 194 12.75 -10.68 -15.38
C SER C 194 12.58 -11.37 -16.72
N LEU C 195 11.42 -11.12 -17.34
CA LEU C 195 11.02 -11.83 -18.54
C LEU C 195 10.11 -10.94 -19.36
N SER C 196 10.06 -11.17 -20.68
CA SER C 196 9.22 -10.39 -21.57
C SER C 196 8.94 -11.19 -22.83
N LEU C 197 7.69 -11.20 -23.26
CA LEU C 197 7.29 -11.94 -24.45
C LEU C 197 7.36 -11.05 -25.69
N ALA C 198 7.70 -11.66 -26.81
CA ALA C 198 7.69 -10.92 -28.07
C ALA C 198 6.26 -10.59 -28.47
N PRO C 199 6.05 -9.52 -29.25
CA PRO C 199 4.68 -9.19 -29.67
C PRO C 199 4.01 -10.33 -30.43
N ASP C 200 4.78 -11.08 -31.22
CA ASP C 200 4.20 -12.20 -31.97
C ASP C 200 4.08 -13.45 -31.10
N THR C 201 4.61 -13.44 -29.88
CA THR C 201 4.51 -14.49 -28.87
C THR C 201 5.40 -15.68 -29.21
N ARG C 202 6.01 -15.72 -30.40
CA ARG C 202 6.83 -16.88 -30.76
C ARG C 202 8.08 -16.96 -29.90
N LEU C 203 8.65 -15.82 -29.53
CA LEU C 203 9.89 -15.76 -28.76
C LEU C 203 9.67 -14.92 -27.51
N PHE C 204 10.46 -15.23 -26.48
CA PHE C 204 10.52 -14.41 -25.28
C PHE C 204 11.97 -14.31 -24.83
N VAL C 205 12.28 -13.22 -24.13
CA VAL C 205 13.65 -12.89 -23.73
C VAL C 205 13.67 -12.66 -22.23
N SER C 206 14.69 -13.23 -21.56
CA SER C 206 14.83 -13.14 -20.12
C SER C 206 16.23 -12.69 -19.76
N GLY C 207 16.34 -11.91 -18.68
CA GLY C 207 17.62 -11.43 -18.17
C GLY C 207 17.81 -11.90 -16.74
N ALA C 208 19.03 -12.35 -16.43
CA ALA C 208 19.33 -12.97 -15.15
C ALA C 208 20.44 -12.21 -14.44
N CYS C 209 20.74 -12.65 -13.22
CA CYS C 209 21.78 -12.01 -12.41
C CYS C 209 23.18 -12.30 -12.92
N ASP C 210 23.33 -13.22 -13.87
CA ASP C 210 24.65 -13.48 -14.44
C ASP C 210 25.09 -12.41 -15.44
N ALA C 211 24.37 -11.29 -15.51
CA ALA C 211 24.72 -10.18 -16.40
C ALA C 211 24.67 -10.62 -17.86
N SER C 212 23.59 -11.31 -18.24
CA SER C 212 23.40 -11.76 -19.61
C SER C 212 21.93 -12.00 -19.86
N ALA C 213 21.48 -11.69 -21.07
CA ALA C 213 20.10 -11.90 -21.49
C ALA C 213 20.05 -12.98 -22.56
N LYS C 214 19.05 -13.85 -22.44
CA LYS C 214 18.89 -14.98 -23.35
C LYS C 214 17.60 -14.82 -24.16
N LEU C 215 17.65 -15.28 -25.41
CA LEU C 215 16.48 -15.30 -26.29
C LEU C 215 16.11 -16.76 -26.52
N TRP C 216 14.86 -17.11 -26.21
CA TRP C 216 14.41 -18.50 -26.24
C TRP C 216 13.35 -18.71 -27.31
N ASP C 217 13.31 -19.93 -27.83
CA ASP C 217 12.23 -20.39 -28.70
C ASP C 217 11.15 -20.98 -27.82
N VAL C 218 9.97 -20.34 -27.83
CA VAL C 218 8.87 -20.84 -27.00
C VAL C 218 8.46 -22.23 -27.46
N ARG C 219 8.30 -22.42 -28.77
CA ARG C 219 7.84 -23.71 -29.30
C ARG C 219 8.97 -24.73 -29.32
N GLU C 220 10.09 -24.39 -29.94
CA GLU C 220 11.18 -25.35 -30.07
C GLU C 220 11.81 -25.67 -28.72
N GLY C 221 11.88 -24.68 -27.83
CA GLY C 221 12.33 -24.94 -26.48
C GLY C 221 13.82 -24.86 -26.26
N MET C 222 14.56 -24.17 -27.13
CA MET C 222 16.01 -24.05 -26.99
C MET C 222 16.41 -22.59 -27.10
N CYS C 223 17.57 -22.26 -26.51
CA CYS C 223 18.09 -20.91 -26.60
C CYS C 223 18.50 -20.59 -28.03
N ARG C 224 18.32 -19.33 -28.42
CA ARG C 224 18.69 -18.84 -29.74
C ARG C 224 19.92 -17.94 -29.70
N GLN C 225 19.94 -16.95 -28.81
CA GLN C 225 21.04 -16.01 -28.72
C GLN C 225 21.21 -15.59 -27.26
N THR C 226 22.44 -15.21 -26.92
CA THR C 226 22.75 -14.66 -25.61
C THR C 226 23.43 -13.32 -25.78
N PHE C 227 22.97 -12.32 -25.04
CA PHE C 227 23.48 -10.96 -25.15
C PHE C 227 24.14 -10.56 -23.84
N THR C 228 25.39 -10.12 -23.93
CA THR C 228 26.17 -9.71 -22.76
C THR C 228 26.64 -8.28 -22.93
N GLY C 229 27.17 -7.71 -21.86
CA GLY C 229 27.65 -6.35 -21.87
C GLY C 229 27.37 -5.62 -20.58
N HIS C 230 26.43 -6.12 -19.79
CA HIS C 230 26.13 -5.53 -18.51
C HIS C 230 27.22 -5.87 -17.49
N GLU C 231 27.43 -4.98 -16.54
CA GLU C 231 28.44 -5.19 -15.50
C GLU C 231 27.88 -5.85 -14.25
N SER C 232 26.56 -5.93 -14.10
CA SER C 232 25.97 -6.47 -12.89
C SER C 232 24.65 -7.14 -13.25
N ASP C 233 23.83 -7.39 -12.23
CA ASP C 233 22.58 -8.13 -12.43
C ASP C 233 21.62 -7.33 -13.30
N ILE C 234 20.83 -8.04 -14.10
CA ILE C 234 19.80 -7.44 -14.94
C ILE C 234 18.47 -7.58 -14.20
N ASN C 235 17.96 -6.49 -13.63
CA ASN C 235 16.72 -6.56 -12.87
C ASN C 235 15.50 -6.64 -13.78
N ALA C 236 15.53 -5.94 -14.91
CA ALA C 236 14.34 -5.80 -15.75
C ALA C 236 14.75 -5.86 -17.21
N ILE C 237 13.78 -6.21 -18.06
CA ILE C 237 14.00 -6.35 -19.49
C ILE C 237 12.65 -6.20 -20.19
N CYS C 238 12.68 -5.66 -21.41
CA CYS C 238 11.45 -5.36 -22.12
C CYS C 238 11.69 -5.42 -23.61
N PHE C 239 10.68 -5.84 -24.37
CA PHE C 239 10.80 -5.93 -25.82
C PHE C 239 10.46 -4.60 -26.48
N PHE C 240 11.29 -4.22 -27.45
CA PHE C 240 10.96 -3.07 -28.29
C PHE C 240 9.70 -3.39 -29.10
N PRO C 241 8.82 -2.42 -29.32
CA PRO C 241 7.51 -2.76 -29.93
C PRO C 241 7.62 -3.48 -31.25
N ASN C 242 8.62 -3.15 -32.07
CA ASN C 242 8.79 -3.83 -33.35
C ASN C 242 9.05 -5.33 -33.16
N GLY C 243 9.55 -5.73 -31.98
CA GLY C 243 9.84 -7.12 -31.71
C GLY C 243 11.23 -7.57 -32.13
N ASN C 244 12.02 -6.71 -32.73
CA ASN C 244 13.38 -7.04 -33.15
C ASN C 244 14.44 -6.45 -32.24
N ALA C 245 14.06 -5.92 -31.09
CA ALA C 245 15.02 -5.37 -30.14
C ALA C 245 14.40 -5.36 -28.76
N PHE C 246 15.26 -5.27 -27.74
CA PHE C 246 14.81 -5.25 -26.36
C PHE C 246 15.79 -4.46 -25.53
N ALA C 247 15.29 -3.85 -24.45
CA ALA C 247 16.07 -3.02 -23.56
C ALA C 247 16.13 -3.64 -22.17
N THR C 248 17.31 -3.60 -21.57
CA THR C 248 17.56 -4.23 -20.28
C THR C 248 17.92 -3.18 -19.24
N GLY C 249 17.54 -3.44 -18.00
CA GLY C 249 17.91 -2.58 -16.90
C GLY C 249 18.64 -3.38 -15.83
N SER C 250 19.79 -2.87 -15.42
CA SER C 250 20.71 -3.59 -14.56
C SER C 250 21.05 -2.76 -13.33
N ASP C 251 21.68 -3.43 -12.35
CA ASP C 251 22.06 -2.77 -11.11
C ASP C 251 23.19 -1.76 -11.31
N ASP C 252 23.94 -1.87 -12.40
CA ASP C 252 25.07 -0.98 -12.63
C ASP C 252 24.64 0.40 -13.12
N ALA C 253 23.35 0.73 -13.02
CA ALA C 253 22.84 2.08 -13.26
C ALA C 253 22.91 2.46 -14.74
N THR C 254 22.68 1.50 -15.63
CA THR C 254 22.66 1.76 -17.06
C THR C 254 21.67 0.83 -17.75
N CYS C 255 20.75 1.41 -18.51
CA CYS C 255 19.93 0.65 -19.43
C CYS C 255 20.63 0.56 -20.77
N ARG C 256 20.38 -0.54 -21.49
CA ARG C 256 21.05 -0.79 -22.75
C ARG C 256 20.07 -1.43 -23.73
N LEU C 257 20.30 -1.16 -25.01
CA LEU C 257 19.42 -1.63 -26.07
C LEU C 257 20.12 -2.72 -26.87
N PHE C 258 19.50 -3.88 -26.97
CA PHE C 258 20.03 -5.01 -27.72
C PHE C 258 19.16 -5.26 -28.95
N ASP C 259 19.80 -5.71 -30.03
CA ASP C 259 19.11 -6.00 -31.28
C ASP C 259 19.27 -7.47 -31.61
N LEU C 260 18.15 -8.13 -31.93
CA LEU C 260 18.18 -9.57 -32.19
C LEU C 260 18.94 -9.90 -33.47
N ARG C 261 18.62 -9.21 -34.57
CA ARG C 261 19.24 -9.54 -35.84
C ARG C 261 20.72 -9.16 -35.85
N ALA C 262 21.06 -7.96 -35.36
CA ALA C 262 22.46 -7.58 -35.27
C ALA C 262 23.21 -8.43 -34.25
N ASP C 263 22.50 -9.08 -33.33
CA ASP C 263 23.09 -10.00 -32.37
C ASP C 263 24.21 -9.34 -31.56
N GLN C 264 24.01 -8.09 -31.17
CA GLN C 264 25.00 -7.39 -30.36
C GLN C 264 24.35 -6.15 -29.74
N GLU C 265 24.99 -5.65 -28.70
CA GLU C 265 24.50 -4.45 -28.02
C GLU C 265 24.51 -3.28 -28.99
N LEU C 266 23.54 -2.39 -28.85
CA LEU C 266 23.30 -1.32 -29.82
C LEU C 266 23.40 0.08 -29.23
N MET C 267 23.13 0.26 -27.94
CA MET C 267 23.19 1.58 -27.33
C MET C 267 23.03 1.43 -25.83
N THR C 268 23.68 2.32 -25.10
CA THR C 268 23.68 2.31 -23.64
C THR C 268 23.18 3.64 -23.10
N TYR C 269 22.31 3.58 -22.10
CA TYR C 269 21.68 4.76 -21.51
C TYR C 269 22.20 4.92 -20.09
N SER C 270 23.25 5.74 -19.91
CA SER C 270 23.84 5.97 -18.61
C SER C 270 24.14 7.45 -18.44
N HIS C 271 24.09 7.91 -17.19
CA HIS C 271 24.41 9.28 -16.82
C HIS C 271 25.37 9.27 -15.64
N ASP C 272 26.23 10.28 -15.57
CA ASP C 272 27.20 10.34 -14.49
C ASP C 272 26.50 10.48 -13.13
N ASN C 273 25.44 11.29 -13.07
CA ASN C 273 24.74 11.51 -11.82
C ASN C 273 23.85 10.33 -11.42
N ILE C 274 23.66 9.36 -12.31
CA ILE C 274 22.87 8.17 -12.02
C ILE C 274 23.83 7.08 -11.56
N ILE C 275 23.74 6.69 -10.29
CA ILE C 275 24.66 5.72 -9.70
C ILE C 275 23.94 4.50 -9.14
N CYS C 276 22.62 4.45 -9.17
CA CYS C 276 21.86 3.34 -8.61
C CYS C 276 21.25 2.50 -9.73
N GLY C 277 20.74 1.33 -9.36
CA GLY C 277 20.26 0.37 -10.33
C GLY C 277 18.91 0.74 -10.91
N ILE C 278 18.46 -0.10 -11.84
CA ILE C 278 17.16 0.04 -12.49
C ILE C 278 16.28 -1.11 -12.04
N THR C 279 15.05 -0.78 -11.64
CA THR C 279 14.13 -1.80 -11.15
C THR C 279 13.12 -2.25 -12.19
N SER C 280 12.86 -1.42 -13.21
CA SER C 280 11.89 -1.75 -14.24
C SER C 280 12.19 -0.95 -15.49
N VAL C 281 11.82 -1.50 -16.64
CA VAL C 281 12.05 -0.87 -17.93
C VAL C 281 10.82 -1.08 -18.80
N SER C 282 10.47 -0.05 -19.58
CA SER C 282 9.33 -0.13 -20.47
C SER C 282 9.56 0.78 -21.68
N PHE C 283 8.83 0.51 -22.74
CA PHE C 283 8.93 1.26 -23.99
C PHE C 283 7.60 1.96 -24.27
N SER C 284 7.68 3.07 -25.00
CA SER C 284 6.47 3.74 -25.46
C SER C 284 5.88 2.99 -26.65
N LYS C 285 4.69 3.42 -27.05
CA LYS C 285 3.98 2.72 -28.13
C LYS C 285 4.79 2.76 -29.43
N SER C 286 5.34 3.93 -29.76
CA SER C 286 6.14 4.05 -30.97
C SER C 286 7.57 3.57 -30.78
N GLY C 287 8.00 3.34 -29.53
CA GLY C 287 9.35 2.91 -29.27
C GLY C 287 10.38 4.01 -29.23
N ARG C 288 9.97 5.27 -29.38
CA ARG C 288 10.94 6.37 -29.35
C ARG C 288 11.34 6.73 -27.92
N LEU C 289 10.58 6.28 -26.94
CA LEU C 289 10.88 6.55 -25.53
C LEU C 289 11.16 5.24 -24.81
N LEU C 290 12.09 5.27 -23.87
CA LEU C 290 12.49 4.11 -23.08
C LEU C 290 12.44 4.51 -21.60
N LEU C 291 11.26 4.41 -21.00
CA LEU C 291 11.11 4.74 -19.60
C LEU C 291 11.71 3.65 -18.74
N ALA C 292 12.27 4.03 -17.59
CA ALA C 292 12.95 3.08 -16.71
C ALA C 292 12.93 3.62 -15.29
N GLY C 293 12.47 2.81 -14.35
CA GLY C 293 12.51 3.19 -12.94
C GLY C 293 13.90 3.09 -12.36
N TYR C 294 14.10 3.76 -11.23
CA TYR C 294 15.40 3.80 -10.57
C TYR C 294 15.22 3.73 -9.06
N ASP C 295 16.30 3.35 -8.38
CA ASP C 295 16.25 3.26 -6.92
C ASP C 295 16.32 4.63 -6.26
N ASP C 296 16.57 5.70 -7.02
CA ASP C 296 16.62 7.05 -6.48
C ASP C 296 15.25 7.68 -6.34
N PHE C 297 14.19 6.87 -6.35
CA PHE C 297 12.82 7.26 -6.06
C PHE C 297 12.11 7.91 -7.23
N ASN C 298 12.68 7.90 -8.43
CA ASN C 298 12.04 8.54 -9.57
C ASN C 298 12.42 7.81 -10.85
N CYS C 299 11.59 7.99 -11.87
CA CYS C 299 11.79 7.37 -13.18
C CYS C 299 12.30 8.43 -14.17
N ASN C 300 13.09 7.98 -15.13
CA ASN C 300 13.65 8.85 -16.16
C ASN C 300 13.19 8.37 -17.53
N VAL C 301 12.76 9.30 -18.37
CA VAL C 301 12.34 8.98 -19.73
C VAL C 301 13.55 9.15 -20.64
N TRP C 302 13.93 8.08 -21.34
CA TRP C 302 15.10 8.06 -22.19
C TRP C 302 14.71 8.05 -23.66
N ASP C 303 15.33 8.94 -24.44
CA ASP C 303 15.14 8.94 -25.88
C ASP C 303 15.83 7.72 -26.46
N ALA C 304 15.04 6.74 -26.91
CA ALA C 304 15.59 5.45 -27.30
C ALA C 304 16.56 5.54 -28.47
N LEU C 305 16.54 6.62 -29.24
CA LEU C 305 17.39 6.77 -30.42
C LEU C 305 18.60 7.66 -30.20
N LYS C 306 18.48 8.69 -29.36
CA LYS C 306 19.60 9.58 -29.08
C LYS C 306 20.22 9.36 -27.70
N ALA C 307 19.59 8.55 -26.85
CA ALA C 307 20.08 8.23 -25.52
C ALA C 307 20.13 9.45 -24.60
N ASP C 308 19.41 10.51 -24.94
CA ASP C 308 19.36 11.71 -24.11
C ASP C 308 18.20 11.61 -23.13
N ARG C 309 18.39 12.17 -21.94
CA ARG C 309 17.36 12.20 -20.92
C ARG C 309 16.26 13.18 -21.32
N ALA C 310 15.16 12.66 -21.87
CA ALA C 310 14.10 13.52 -22.39
C ALA C 310 13.14 14.00 -21.30
N GLY C 311 13.27 13.49 -20.08
CA GLY C 311 12.39 13.91 -19.02
C GLY C 311 12.62 13.09 -17.76
N VAL C 312 11.88 13.44 -16.72
CA VAL C 312 11.97 12.78 -15.43
C VAL C 312 10.57 12.72 -14.83
N LEU C 313 10.27 11.62 -14.14
CA LEU C 313 8.99 11.43 -13.46
C LEU C 313 9.28 11.21 -11.98
N ALA C 314 9.37 12.30 -11.23
CA ALA C 314 9.57 12.24 -9.79
C ALA C 314 8.23 12.39 -9.08
N GLY C 315 8.17 11.94 -7.83
CA GLY C 315 6.94 11.99 -7.08
C GLY C 315 6.75 10.84 -6.11
N HIS C 316 7.63 9.84 -6.17
CA HIS C 316 7.58 8.73 -5.24
C HIS C 316 8.59 8.95 -4.12
N ASP C 317 8.19 8.59 -2.90
CA ASP C 317 9.05 8.76 -1.74
C ASP C 317 10.00 7.58 -1.51
N ASN C 318 9.85 6.50 -2.26
CA ASN C 318 10.68 5.32 -2.12
C ASN C 318 11.03 4.78 -3.50
N ARG C 319 11.81 3.70 -3.51
CA ARG C 319 12.24 3.09 -4.76
C ARG C 319 11.03 2.74 -5.62
N VAL C 320 11.08 3.14 -6.89
CA VAL C 320 10.05 2.73 -7.83
C VAL C 320 10.29 1.27 -8.21
N SER C 321 9.25 0.45 -8.10
CA SER C 321 9.41 -0.99 -8.22
C SER C 321 8.88 -1.55 -9.53
N CYS C 322 8.02 -0.82 -10.25
CA CYS C 322 7.41 -1.35 -11.46
C CYS C 322 6.81 -0.20 -12.25
N LEU C 323 6.74 -0.41 -13.56
CA LEU C 323 6.05 0.53 -14.43
C LEU C 323 5.68 -0.16 -15.73
N GLY C 324 4.68 0.38 -16.41
CA GLY C 324 4.22 -0.17 -17.67
C GLY C 324 3.38 0.81 -18.46
N VAL C 325 3.56 0.82 -19.78
CA VAL C 325 2.85 1.73 -20.67
C VAL C 325 1.67 0.99 -21.28
N THR C 326 0.50 1.63 -21.25
CA THR C 326 -0.70 1.00 -21.78
C THR C 326 -0.49 0.59 -23.23
N ASP C 327 -1.29 -0.38 -23.68
CA ASP C 327 -1.15 -0.88 -25.04
C ASP C 327 -1.48 0.19 -26.08
N ASP C 328 -2.27 1.19 -25.73
CA ASP C 328 -2.56 2.30 -26.62
C ASP C 328 -1.61 3.47 -26.42
N GLY C 329 -0.69 3.37 -25.47
CA GLY C 329 0.29 4.43 -25.26
C GLY C 329 -0.26 5.70 -24.67
N MET C 330 -1.39 5.63 -23.95
CA MET C 330 -2.00 6.84 -23.44
C MET C 330 -1.39 7.25 -22.10
N ALA C 331 -0.95 6.28 -21.30
CA ALA C 331 -0.46 6.58 -19.96
C ALA C 331 0.60 5.57 -19.55
N VAL C 332 1.41 5.97 -18.56
CA VAL C 332 2.41 5.12 -17.95
C VAL C 332 2.21 5.17 -16.45
N ALA C 333 1.99 4.01 -15.83
CA ALA C 333 1.75 3.91 -14.40
C ALA C 333 2.98 3.34 -13.72
N THR C 334 3.45 4.01 -12.67
CA THR C 334 4.61 3.60 -11.90
C THR C 334 4.19 3.27 -10.48
N GLY C 335 4.59 2.09 -10.01
CA GLY C 335 4.34 1.68 -8.64
C GLY C 335 5.64 1.63 -7.86
N SER C 336 5.61 2.13 -6.64
CA SER C 336 6.80 2.26 -5.82
C SER C 336 6.57 1.61 -4.46
N TRP C 337 7.65 1.51 -3.69
CA TRP C 337 7.60 0.83 -2.39
C TRP C 337 6.82 1.62 -1.35
N ASP C 338 6.45 2.87 -1.62
CA ASP C 338 5.64 3.63 -0.67
C ASP C 338 4.16 3.29 -0.75
N SER C 339 3.78 2.28 -1.54
CA SER C 339 2.42 1.77 -1.62
C SER C 339 1.49 2.66 -2.43
N PHE C 340 2.02 3.46 -3.36
CA PHE C 340 1.21 4.33 -4.20
C PHE C 340 1.56 4.10 -5.66
N LEU C 341 0.54 3.94 -6.50
CA LEU C 341 0.69 3.92 -7.94
C LEU C 341 0.20 5.24 -8.51
N LYS C 342 1.02 5.87 -9.34
CA LYS C 342 0.70 7.13 -9.97
C LYS C 342 0.70 6.95 -11.48
N ILE C 343 -0.35 7.44 -12.13
CA ILE C 343 -0.55 7.25 -13.56
C ILE C 343 -0.27 8.58 -14.26
N TRP C 344 0.78 8.60 -15.07
CA TRP C 344 1.25 9.82 -15.72
C TRP C 344 0.74 9.88 -17.15
N ASN C 345 0.75 11.08 -17.71
CA ASN C 345 0.28 11.28 -19.07
C ASN C 345 0.58 12.69 -19.56
N VAL D 2 -25.09 -21.89 -8.90
CA VAL D 2 -25.90 -20.71 -8.49
C VAL D 2 -27.38 -21.05 -8.54
N GLN D 3 -28.12 -20.63 -7.51
CA GLN D 3 -29.54 -20.94 -7.41
C GLN D 3 -30.19 -19.98 -6.42
N LEU D 4 -31.37 -19.43 -6.78
CA LEU D 4 -32.06 -18.42 -5.96
C LEU D 4 -33.45 -18.97 -5.81
N VAL D 5 -33.78 -19.43 -4.62
CA VAL D 5 -35.12 -19.97 -4.34
C VAL D 5 -35.79 -18.78 -3.73
N GLU D 6 -37.13 -18.71 -3.78
CA GLU D 6 -37.84 -17.66 -3.06
C GLU D 6 -39.19 -18.23 -2.66
N SER D 7 -39.79 -17.66 -1.62
CA SER D 7 -41.04 -18.20 -1.09
C SER D 7 -41.76 -17.09 -0.36
N GLY D 8 -42.87 -17.40 0.31
CA GLY D 8 -43.64 -16.42 1.06
C GLY D 8 -44.98 -16.09 0.43
N GLY D 9 -45.24 -16.47 -0.84
CA GLY D 9 -46.47 -16.12 -1.52
C GLY D 9 -47.67 -16.89 -1.01
N GLY D 10 -48.83 -16.49 -1.48
CA GLY D 10 -50.08 -17.12 -1.09
C GLY D 10 -51.21 -16.13 -1.18
N LEU D 11 -52.34 -16.53 -0.58
CA LEU D 11 -53.54 -15.70 -0.56
C LEU D 11 -53.48 -14.75 0.63
N VAL D 12 -53.65 -13.46 0.35
CA VAL D 12 -53.60 -12.42 1.38
C VAL D 12 -54.78 -11.49 1.18
N GLN D 13 -55.46 -11.16 2.28
CA GLN D 13 -56.57 -10.23 2.21
C GLN D 13 -56.04 -8.80 2.02
N PRO D 14 -56.84 -7.92 1.41
CA PRO D 14 -56.39 -6.53 1.25
C PRO D 14 -56.08 -5.90 2.60
N GLY D 15 -55.03 -5.07 2.62
CA GLY D 15 -54.61 -4.44 3.85
C GLY D 15 -53.77 -5.31 4.76
N GLY D 16 -53.41 -6.51 4.33
CA GLY D 16 -52.61 -7.41 5.13
C GLY D 16 -51.13 -7.12 4.99
N SER D 17 -50.32 -8.13 5.30
CA SER D 17 -48.88 -8.00 5.21
C SER D 17 -48.26 -9.38 4.99
N ARG D 18 -47.03 -9.37 4.51
CA ARG D 18 -46.28 -10.59 4.26
C ARG D 18 -44.79 -10.28 4.29
N LYS D 19 -43.98 -11.33 4.35
CA LYS D 19 -42.53 -11.23 4.41
C LYS D 19 -41.95 -12.25 3.43
N LEU D 20 -41.78 -11.83 2.18
CA LEU D 20 -41.20 -12.70 1.17
C LEU D 20 -39.73 -12.94 1.46
N SER D 21 -39.30 -14.19 1.29
CA SER D 21 -37.95 -14.61 1.59
C SER D 21 -37.28 -15.16 0.33
N CYS D 22 -36.02 -14.76 0.13
CA CYS D 22 -35.22 -15.23 -1.00
C CYS D 22 -33.98 -15.90 -0.43
N SER D 23 -33.82 -17.19 -0.73
CA SER D 23 -32.68 -17.96 -0.25
C SER D 23 -31.63 -18.05 -1.37
N ALA D 24 -30.43 -17.57 -1.08
CA ALA D 24 -29.34 -17.55 -2.05
C ALA D 24 -28.37 -18.67 -1.74
N SER D 25 -28.11 -19.53 -2.73
CA SER D 25 -27.20 -20.65 -2.58
C SER D 25 -26.37 -20.79 -3.84
N GLY D 26 -25.06 -20.98 -3.67
CA GLY D 26 -24.17 -21.21 -4.79
C GLY D 26 -23.43 -20.01 -5.31
N PHE D 27 -23.47 -18.89 -4.61
CA PHE D 27 -22.70 -17.72 -5.02
C PHE D 27 -22.48 -16.81 -3.82
N ALA D 28 -21.54 -15.88 -3.95
CA ALA D 28 -21.15 -14.97 -2.87
C ALA D 28 -22.24 -13.91 -2.73
N PHE D 29 -23.30 -14.28 -2.01
CA PHE D 29 -24.44 -13.39 -1.84
C PHE D 29 -24.06 -12.11 -1.11
N SER D 30 -22.98 -12.12 -0.33
CA SER D 30 -22.62 -10.95 0.46
C SER D 30 -22.13 -9.79 -0.41
N SER D 31 -21.74 -10.05 -1.66
CA SER D 31 -21.17 -9.03 -2.52
C SER D 31 -22.08 -8.64 -3.69
N PHE D 32 -23.27 -9.24 -3.78
CA PHE D 32 -24.18 -8.97 -4.88
C PHE D 32 -25.32 -8.06 -4.44
N GLY D 33 -25.51 -6.96 -5.17
CA GLY D 33 -26.74 -6.20 -5.01
C GLY D 33 -27.92 -7.02 -5.49
N MET D 34 -29.05 -6.88 -4.80
CA MET D 34 -30.22 -7.71 -5.05
C MET D 34 -31.43 -6.83 -5.34
N HIS D 35 -32.20 -7.23 -6.35
CA HIS D 35 -33.41 -6.53 -6.76
C HIS D 35 -34.62 -7.41 -6.49
N TRP D 36 -35.79 -6.78 -6.53
CA TRP D 36 -37.08 -7.48 -6.49
C TRP D 36 -37.88 -7.01 -7.70
N VAL D 37 -38.11 -7.91 -8.65
CA VAL D 37 -38.84 -7.61 -9.88
C VAL D 37 -40.12 -8.44 -9.85
N ARG D 38 -41.25 -7.75 -10.02
CA ARG D 38 -42.56 -8.39 -9.95
C ARG D 38 -43.26 -8.28 -11.30
N GLN D 39 -43.91 -9.37 -11.70
CA GLN D 39 -44.64 -9.44 -12.97
C GLN D 39 -46.10 -9.72 -12.68
N ALA D 40 -46.98 -8.84 -13.16
CA ALA D 40 -48.40 -9.03 -13.00
C ALA D 40 -48.81 -10.37 -13.63
N PRO D 41 -50.03 -10.84 -13.32
CA PRO D 41 -50.44 -12.16 -13.85
C PRO D 41 -50.38 -12.26 -15.37
N GLU D 42 -50.61 -11.14 -16.08
CA GLU D 42 -50.60 -11.16 -17.53
C GLU D 42 -49.82 -10.01 -18.16
N LYS D 43 -49.31 -9.07 -17.37
CA LYS D 43 -48.60 -7.91 -17.88
C LYS D 43 -47.10 -8.15 -17.82
N GLY D 44 -46.34 -7.10 -18.12
CA GLY D 44 -44.89 -7.18 -18.14
C GLY D 44 -44.28 -6.99 -16.77
N LEU D 45 -42.96 -7.07 -16.75
CA LEU D 45 -42.22 -6.96 -15.49
C LEU D 45 -42.33 -5.54 -14.93
N GLU D 46 -42.09 -5.42 -13.62
CA GLU D 46 -42.17 -4.13 -12.94
C GLU D 46 -41.21 -4.16 -11.76
N TRP D 47 -40.19 -3.30 -11.82
CA TRP D 47 -39.20 -3.23 -10.74
C TRP D 47 -39.88 -2.80 -9.44
N VAL D 48 -39.37 -3.31 -8.32
CA VAL D 48 -40.01 -3.08 -7.02
C VAL D 48 -39.04 -2.40 -6.06
N ALA D 49 -37.88 -3.02 -5.83
CA ALA D 49 -36.95 -2.50 -4.84
C ALA D 49 -35.54 -2.98 -5.16
N TYR D 50 -34.57 -2.32 -4.55
CA TYR D 50 -33.15 -2.63 -4.76
C TYR D 50 -32.39 -2.38 -3.46
N ILE D 51 -31.49 -3.30 -3.14
CA ILE D 51 -30.60 -3.16 -1.97
C ILE D 51 -29.19 -3.49 -2.42
N SER D 52 -28.24 -2.60 -2.12
CA SER D 52 -26.88 -2.77 -2.61
C SER D 52 -26.10 -3.74 -1.72
N SER D 53 -24.82 -3.89 -2.03
CA SER D 53 -23.95 -4.72 -1.21
C SER D 53 -23.66 -4.03 0.11
N GLY D 54 -23.89 -4.75 1.21
CA GLY D 54 -23.78 -4.13 2.52
C GLY D 54 -24.97 -3.32 2.94
N SER D 55 -26.03 -3.29 2.13
CA SER D 55 -27.26 -2.58 2.44
C SER D 55 -27.04 -1.07 2.54
N GLY D 56 -25.98 -0.55 1.93
CA GLY D 56 -25.73 0.87 2.00
C GLY D 56 -26.78 1.69 1.30
N THR D 57 -27.21 1.26 0.11
CA THR D 57 -28.16 2.00 -0.71
C THR D 57 -29.41 1.15 -0.90
N ILE D 58 -30.58 1.73 -0.65
CA ILE D 58 -31.87 1.07 -0.82
C ILE D 58 -32.79 1.99 -1.60
N TYR D 59 -33.43 1.44 -2.63
CA TYR D 59 -34.41 2.16 -3.43
C TYR D 59 -35.69 1.37 -3.51
N TYR D 60 -36.81 2.07 -3.65
CA TYR D 60 -38.11 1.45 -3.89
C TYR D 60 -38.78 2.16 -5.05
N ALA D 61 -39.59 1.41 -5.80
CA ALA D 61 -40.42 2.03 -6.83
C ALA D 61 -41.41 2.99 -6.18
N ASP D 62 -41.62 4.14 -6.81
CA ASP D 62 -42.49 5.15 -6.23
C ASP D 62 -43.90 4.61 -5.98
N THR D 63 -44.31 3.60 -6.75
CA THR D 63 -45.63 3.01 -6.57
C THR D 63 -45.73 2.24 -5.25
N VAL D 64 -44.60 1.84 -4.67
CA VAL D 64 -44.63 1.00 -3.47
C VAL D 64 -43.74 1.59 -2.38
N LYS D 65 -43.35 2.85 -2.52
CA LYS D 65 -42.54 3.49 -1.50
C LYS D 65 -43.32 3.55 -0.19
N GLY D 66 -42.67 3.17 0.90
CA GLY D 66 -43.28 3.14 2.22
C GLY D 66 -44.04 1.87 2.53
N ARG D 67 -44.77 1.34 1.55
CA ARG D 67 -45.53 0.12 1.77
C ARG D 67 -44.61 -1.04 2.08
N PHE D 68 -43.60 -1.27 1.24
CA PHE D 68 -42.67 -2.37 1.41
C PHE D 68 -41.38 -1.90 2.07
N THR D 69 -40.68 -2.85 2.68
CA THR D 69 -39.34 -2.63 3.20
C THR D 69 -38.47 -3.82 2.81
N ILE D 70 -37.27 -3.53 2.30
CA ILE D 70 -36.36 -4.55 1.80
C ILE D 70 -35.17 -4.64 2.73
N SER D 71 -34.81 -5.85 3.12
CA SER D 71 -33.69 -6.07 4.01
C SER D 71 -33.02 -7.39 3.65
N ARG D 72 -31.75 -7.52 4.02
CA ARG D 72 -30.96 -8.70 3.74
C ARG D 72 -30.22 -9.14 4.98
N ASP D 73 -29.91 -10.44 5.05
CA ASP D 73 -29.14 -11.03 6.14
C ASP D 73 -28.01 -11.83 5.49
N ASP D 74 -26.86 -11.18 5.28
CA ASP D 74 -25.75 -11.85 4.61
C ASP D 74 -25.31 -13.12 5.33
N PRO D 75 -25.13 -13.12 6.66
CA PRO D 75 -24.73 -14.37 7.32
C PRO D 75 -25.68 -15.52 7.06
N LYS D 76 -26.98 -15.24 7.01
CA LYS D 76 -27.98 -16.26 6.73
C LYS D 76 -28.13 -16.53 5.24
N ASN D 77 -27.51 -15.73 4.39
CA ASN D 77 -27.60 -15.89 2.93
C ASN D 77 -29.06 -15.91 2.49
N THR D 78 -29.77 -14.81 2.78
CA THR D 78 -31.17 -14.67 2.41
C THR D 78 -31.52 -13.19 2.27
N LEU D 79 -32.46 -12.91 1.38
CA LEU D 79 -32.94 -11.56 1.12
C LEU D 79 -34.43 -11.50 1.46
N PHE D 80 -34.82 -10.48 2.22
CA PHE D 80 -36.19 -10.32 2.69
C PHE D 80 -36.83 -9.09 2.07
N LEU D 81 -38.14 -9.17 1.83
CA LEU D 81 -38.96 -8.03 1.42
C LEU D 81 -40.19 -8.00 2.32
N GLN D 82 -40.18 -7.13 3.32
CA GLN D 82 -41.32 -6.98 4.20
C GLN D 82 -42.37 -6.12 3.52
N MET D 83 -43.52 -6.70 3.19
CA MET D 83 -44.59 -6.01 2.49
C MET D 83 -45.81 -5.94 3.39
N THR D 84 -46.40 -4.75 3.48
CA THR D 84 -47.55 -4.52 4.35
C THR D 84 -48.55 -3.64 3.63
N SER D 85 -49.80 -3.74 4.05
CA SER D 85 -50.90 -2.96 3.49
C SER D 85 -51.02 -3.19 1.98
N LEU D 86 -51.11 -4.46 1.60
CA LEU D 86 -51.23 -4.80 0.19
C LEU D 86 -52.59 -4.39 -0.35
N ARG D 87 -52.68 -4.38 -1.68
CA ARG D 87 -53.91 -4.04 -2.37
C ARG D 87 -54.08 -4.99 -3.55
N SER D 88 -55.17 -4.80 -4.30
CA SER D 88 -55.43 -5.67 -5.45
C SER D 88 -54.34 -5.54 -6.51
N GLU D 89 -53.68 -4.39 -6.58
CA GLU D 89 -52.63 -4.16 -7.58
C GLU D 89 -51.33 -4.86 -7.23
N ASP D 90 -51.19 -5.41 -6.03
CA ASP D 90 -49.95 -6.05 -5.61
C ASP D 90 -49.92 -7.54 -5.91
N THR D 91 -50.97 -8.08 -6.54
CA THR D 91 -50.96 -9.48 -6.95
C THR D 91 -50.05 -9.66 -8.16
N ALA D 92 -49.00 -10.45 -8.00
CA ALA D 92 -48.03 -10.63 -9.08
C ALA D 92 -46.99 -11.64 -8.64
N MET D 93 -46.33 -12.25 -9.62
CA MET D 93 -45.11 -13.00 -9.36
C MET D 93 -44.03 -12.04 -8.88
N TYR D 94 -43.14 -12.55 -8.03
CA TYR D 94 -42.01 -11.76 -7.53
C TYR D 94 -40.73 -12.53 -7.79
N TYR D 95 -39.78 -11.88 -8.47
CA TYR D 95 -38.54 -12.50 -8.90
C TYR D 95 -37.37 -11.88 -8.16
N CYS D 96 -36.61 -12.73 -7.46
CA CYS D 96 -35.41 -12.31 -6.76
C CYS D 96 -34.29 -12.28 -7.80
N VAL D 97 -33.85 -11.07 -8.16
CA VAL D 97 -32.96 -10.88 -9.31
C VAL D 97 -31.58 -10.51 -8.80
N ARG D 98 -30.57 -11.24 -9.28
CA ARG D 98 -29.18 -10.98 -8.92
C ARG D 98 -28.70 -9.69 -9.57
N SER D 99 -27.67 -9.09 -8.97
CA SER D 99 -27.06 -7.90 -9.55
C SER D 99 -25.71 -7.58 -8.92
N ILE D 100 -24.66 -7.47 -9.73
CA ILE D 100 -23.32 -7.14 -9.27
C ILE D 100 -22.80 -6.01 -10.14
N TYR D 101 -22.33 -4.93 -9.52
CA TYR D 101 -21.92 -3.73 -10.25
C TYR D 101 -20.42 -3.49 -10.08
N TYR D 102 -19.69 -3.67 -11.16
CA TYR D 102 -18.30 -3.22 -11.28
C TYR D 102 -17.97 -3.17 -12.76
N TYR D 103 -16.88 -2.48 -13.08
CA TYR D 103 -16.54 -2.26 -14.48
C TYR D 103 -16.50 -3.57 -15.24
N GLY D 104 -17.41 -3.72 -16.22
CA GLY D 104 -17.47 -4.92 -17.02
C GLY D 104 -18.38 -6.02 -16.50
N SER D 105 -19.11 -5.76 -15.41
CA SER D 105 -19.98 -6.78 -14.85
C SER D 105 -21.25 -6.94 -15.70
N SER D 106 -22.05 -7.92 -15.32
CA SER D 106 -23.31 -8.21 -16.03
C SER D 106 -24.46 -8.26 -15.03
N PRO D 107 -24.99 -7.12 -14.61
CA PRO D 107 -26.09 -7.14 -13.64
C PRO D 107 -27.34 -7.78 -14.21
N PHE D 108 -28.19 -8.26 -13.31
CA PHE D 108 -29.43 -8.97 -13.64
C PHE D 108 -29.14 -10.29 -14.34
N ASP D 109 -27.97 -10.88 -14.11
CA ASP D 109 -27.59 -12.09 -14.82
C ASP D 109 -28.49 -13.27 -14.46
N PHE D 110 -28.83 -13.41 -13.17
CA PHE D 110 -29.59 -14.54 -12.68
C PHE D 110 -30.89 -14.07 -12.06
N TRP D 111 -31.98 -14.77 -12.36
CA TRP D 111 -33.30 -14.45 -11.85
C TRP D 111 -33.85 -15.64 -11.08
N GLY D 112 -34.44 -15.38 -9.92
CA GLY D 112 -35.09 -16.43 -9.15
C GLY D 112 -36.22 -17.08 -9.94
N GLN D 113 -36.77 -18.14 -9.34
CA GLN D 113 -37.82 -18.89 -10.02
C GLN D 113 -39.13 -18.11 -10.04
N GLY D 114 -39.51 -17.51 -8.92
CA GLY D 114 -40.73 -16.74 -8.85
C GLY D 114 -41.68 -17.22 -7.77
N THR D 115 -42.27 -16.28 -7.03
CA THR D 115 -43.24 -16.59 -5.98
C THR D 115 -44.58 -15.97 -6.36
N THR D 116 -45.64 -16.78 -6.30
CA THR D 116 -46.97 -16.33 -6.67
C THR D 116 -47.66 -15.77 -5.43
N LEU D 117 -47.89 -14.46 -5.43
CA LEU D 117 -48.63 -13.79 -4.37
C LEU D 117 -49.92 -13.26 -4.97
N THR D 118 -51.06 -13.67 -4.39
CA THR D 118 -52.37 -13.27 -4.87
C THR D 118 -53.10 -12.56 -3.74
N VAL D 119 -53.60 -11.36 -4.03
CA VAL D 119 -54.35 -10.57 -3.07
C VAL D 119 -55.82 -10.65 -3.45
N SER D 120 -56.65 -11.12 -2.53
CA SER D 120 -58.07 -11.29 -2.81
C SER D 120 -58.71 -9.94 -3.10
N SER D 121 -59.67 -9.93 -4.01
CA SER D 121 -60.38 -8.72 -4.39
C SER D 121 -61.55 -8.46 -3.44
N SER D 136 -41.79 11.54 -15.07
CA SER D 136 -40.37 11.65 -14.75
C SER D 136 -39.64 10.36 -15.11
N ASP D 137 -40.26 9.22 -14.81
CA ASP D 137 -39.65 7.93 -15.12
C ASP D 137 -39.51 7.75 -16.62
N ILE D 138 -38.39 7.15 -17.03
CA ILE D 138 -38.16 6.91 -18.45
C ILE D 138 -39.20 5.92 -18.96
N VAL D 139 -39.85 6.25 -20.07
CA VAL D 139 -40.88 5.41 -20.65
C VAL D 139 -40.26 4.58 -21.76
N MET D 140 -40.39 3.26 -21.66
CA MET D 140 -39.89 2.33 -22.67
C MET D 140 -41.07 1.74 -23.41
N THR D 141 -41.03 1.82 -24.75
CA THR D 141 -42.11 1.34 -25.59
C THR D 141 -41.55 0.37 -26.63
N GLN D 142 -42.23 -0.76 -26.79
CA GLN D 142 -41.88 -1.76 -27.79
C GLN D 142 -42.89 -1.69 -28.93
N ALA D 143 -42.37 -1.63 -30.16
CA ALA D 143 -43.21 -1.30 -31.31
C ALA D 143 -44.33 -2.31 -31.50
N THR D 144 -44.00 -3.61 -31.50
CA THR D 144 -44.96 -4.66 -31.81
C THR D 144 -45.10 -5.58 -30.61
N SER D 145 -46.33 -5.92 -30.26
CA SER D 145 -46.58 -6.82 -29.14
C SER D 145 -46.28 -8.26 -29.52
N SER D 146 -46.53 -8.64 -30.77
CA SER D 146 -46.31 -10.00 -31.22
C SER D 146 -45.88 -10.00 -32.67
N VAL D 147 -44.97 -10.91 -33.02
CA VAL D 147 -44.49 -11.05 -34.39
C VAL D 147 -44.30 -12.54 -34.69
N PRO D 148 -44.98 -13.09 -35.71
CA PRO D 148 -44.76 -14.50 -36.03
C PRO D 148 -43.34 -14.74 -36.52
N VAL D 149 -42.82 -15.94 -36.22
CA VAL D 149 -41.46 -16.30 -36.57
C VAL D 149 -41.44 -17.72 -37.12
N THR D 150 -40.38 -18.03 -37.86
CA THR D 150 -40.16 -19.35 -38.42
C THR D 150 -38.72 -19.77 -38.15
N PRO D 151 -38.46 -21.06 -37.90
CA PRO D 151 -37.08 -21.50 -37.70
C PRO D 151 -36.22 -21.19 -38.93
N GLY D 152 -34.97 -20.82 -38.66
CA GLY D 152 -34.04 -20.47 -39.72
C GLY D 152 -34.17 -19.05 -40.25
N GLU D 153 -35.08 -18.25 -39.70
CA GLU D 153 -35.31 -16.89 -40.16
C GLU D 153 -34.66 -15.90 -39.20
N SER D 154 -34.56 -14.65 -39.65
CA SER D 154 -33.99 -13.57 -38.87
C SER D 154 -35.11 -12.64 -38.42
N VAL D 155 -35.10 -12.29 -37.14
CA VAL D 155 -36.13 -11.45 -36.53
C VAL D 155 -35.45 -10.30 -35.82
N SER D 156 -35.97 -9.09 -36.02
CA SER D 156 -35.49 -7.89 -35.36
C SER D 156 -36.60 -7.33 -34.47
N ILE D 157 -36.30 -7.14 -33.19
CA ILE D 157 -37.23 -6.58 -32.22
C ILE D 157 -36.78 -5.16 -31.92
N SER D 158 -37.68 -4.20 -32.11
CA SER D 158 -37.37 -2.78 -31.98
C SER D 158 -37.89 -2.24 -30.66
N CYS D 159 -37.08 -1.41 -30.00
CA CYS D 159 -37.45 -0.78 -28.74
C CYS D 159 -37.00 0.68 -28.77
N ARG D 160 -37.72 1.52 -28.03
CA ARG D 160 -37.38 2.93 -27.92
C ARG D 160 -37.66 3.42 -26.51
N SER D 161 -36.84 4.34 -26.04
CA SER D 161 -37.00 4.95 -24.73
C SER D 161 -37.57 6.36 -24.86
N SER D 162 -37.75 7.02 -23.70
CA SER D 162 -38.21 8.39 -23.71
C SER D 162 -37.05 9.36 -23.89
N LYS D 163 -35.95 9.14 -23.19
CA LYS D 163 -34.75 9.94 -23.31
C LYS D 163 -33.56 9.03 -23.60
N SER D 164 -32.58 9.56 -24.32
CA SER D 164 -31.42 8.77 -24.72
C SER D 164 -30.74 8.18 -23.50
N LEU D 165 -30.42 6.89 -23.58
CA LEU D 165 -29.77 6.18 -22.48
C LEU D 165 -28.25 6.20 -22.58
N LEU D 166 -27.70 6.82 -23.62
CA LEU D 166 -26.24 6.90 -23.78
C LEU D 166 -25.71 7.90 -22.76
N HIS D 167 -25.18 7.38 -21.65
CA HIS D 167 -24.66 8.24 -20.61
C HIS D 167 -23.33 8.87 -21.04
N SER D 168 -22.92 9.91 -20.32
CA SER D 168 -21.72 10.65 -20.68
C SER D 168 -20.51 9.74 -20.83
N ASN D 169 -20.37 8.73 -19.96
CA ASN D 169 -19.21 7.85 -20.01
C ASN D 169 -19.20 6.95 -21.24
N GLY D 170 -20.32 6.87 -21.98
CA GLY D 170 -20.36 6.15 -23.23
C GLY D 170 -21.14 4.85 -23.22
N ASN D 171 -21.67 4.45 -22.07
CA ASN D 171 -22.42 3.20 -21.98
C ASN D 171 -23.90 3.45 -22.19
N THR D 172 -24.51 2.70 -23.11
CA THR D 172 -25.95 2.76 -23.33
C THR D 172 -26.61 1.76 -22.40
N TYR D 173 -27.10 2.25 -21.26
CA TYR D 173 -27.59 1.37 -20.20
C TYR D 173 -28.95 0.78 -20.56
N LEU D 174 -28.97 -0.15 -21.50
CA LEU D 174 -30.19 -0.86 -21.87
C LEU D 174 -29.94 -2.35 -21.84
N TYR D 175 -30.93 -3.11 -21.37
CA TYR D 175 -30.82 -4.55 -21.20
C TYR D 175 -31.97 -5.24 -21.92
N TRP D 176 -31.72 -6.48 -22.34
CA TRP D 176 -32.73 -7.32 -23.00
C TRP D 176 -32.90 -8.60 -22.21
N PHE D 177 -34.16 -8.96 -21.94
CA PHE D 177 -34.49 -10.16 -21.18
C PHE D 177 -35.44 -11.02 -22.00
N LEU D 178 -35.22 -12.33 -21.96
CA LEU D 178 -36.07 -13.31 -22.65
C LEU D 178 -36.76 -14.16 -21.61
N GLN D 179 -38.09 -14.22 -21.66
CA GLN D 179 -38.90 -14.99 -20.73
C GLN D 179 -39.47 -16.20 -21.48
N ARG D 180 -38.81 -17.34 -21.32
CA ARG D 180 -39.31 -18.56 -21.94
C ARG D 180 -40.67 -18.90 -21.33
N PRO D 181 -41.61 -19.44 -22.13
CA PRO D 181 -42.93 -19.78 -21.57
C PRO D 181 -42.84 -20.64 -20.33
N GLY D 182 -43.29 -20.10 -19.19
CA GLY D 182 -43.31 -20.86 -17.95
C GLY D 182 -42.02 -20.87 -17.18
N GLN D 183 -41.06 -20.02 -17.52
CA GLN D 183 -39.79 -19.95 -16.81
C GLN D 183 -39.42 -18.51 -16.55
N SER D 184 -38.59 -18.30 -15.53
CA SER D 184 -38.14 -16.96 -15.20
C SER D 184 -37.27 -16.41 -16.32
N PRO D 185 -37.31 -15.11 -16.59
CA PRO D 185 -36.51 -14.57 -17.68
C PRO D 185 -35.02 -14.60 -17.37
N GLN D 186 -34.22 -14.64 -18.42
CA GLN D 186 -32.76 -14.66 -18.31
C GLN D 186 -32.17 -13.52 -19.13
N LEU D 187 -31.08 -12.96 -18.63
CA LEU D 187 -30.42 -11.85 -19.30
C LEU D 187 -29.89 -12.29 -20.66
N LEU D 188 -30.13 -11.49 -21.69
CA LEU D 188 -29.57 -11.73 -23.01
C LEU D 188 -28.44 -10.76 -23.32
N ILE D 189 -28.72 -9.47 -23.24
CA ILE D 189 -27.78 -8.42 -23.64
C ILE D 189 -27.79 -7.35 -22.56
N TYR D 190 -26.60 -6.88 -22.19
CA TYR D 190 -26.45 -5.82 -21.21
C TYR D 190 -25.66 -4.67 -21.81
N ARG D 191 -26.09 -3.45 -21.48
CA ARG D 191 -25.57 -2.22 -22.08
C ARG D 191 -25.84 -2.21 -23.59
N MET D 192 -26.81 -3.00 -24.01
CA MET D 192 -27.36 -2.93 -25.37
C MET D 192 -26.42 -3.43 -26.44
N SER D 193 -25.17 -3.77 -26.08
CA SER D 193 -24.23 -4.30 -27.05
C SER D 193 -23.54 -5.56 -26.55
N ASN D 194 -23.32 -5.64 -25.24
CA ASN D 194 -22.60 -6.76 -24.67
C ASN D 194 -23.50 -7.98 -24.56
N LEU D 195 -22.93 -9.16 -24.83
CA LEU D 195 -23.69 -10.40 -24.83
C LEU D 195 -23.50 -11.12 -23.50
N ALA D 196 -24.61 -11.56 -22.90
CA ALA D 196 -24.55 -12.26 -21.64
C ALA D 196 -23.92 -13.63 -21.80
N SER D 197 -23.22 -14.07 -20.76
CA SER D 197 -22.52 -15.35 -20.80
C SER D 197 -23.53 -16.50 -20.83
N GLY D 198 -23.23 -17.51 -21.64
CA GLY D 198 -24.04 -18.71 -21.70
C GLY D 198 -25.15 -18.70 -22.73
N VAL D 199 -25.38 -17.58 -23.41
CA VAL D 199 -26.42 -17.50 -24.43
C VAL D 199 -25.91 -18.16 -25.71
N PRO D 200 -26.79 -18.56 -26.63
CA PRO D 200 -26.33 -19.30 -27.82
C PRO D 200 -25.42 -18.49 -28.74
N ASP D 201 -25.30 -17.19 -28.54
CA ASP D 201 -24.47 -16.28 -29.33
C ASP D 201 -25.14 -15.87 -30.63
N ARG D 202 -26.34 -16.41 -30.93
CA ARG D 202 -27.04 -15.98 -32.13
C ARG D 202 -27.50 -14.53 -32.00
N PHE D 203 -27.95 -14.15 -30.80
CA PHE D 203 -28.46 -12.81 -30.59
C PHE D 203 -27.36 -11.76 -30.74
N SER D 204 -27.73 -10.61 -31.28
CA SER D 204 -26.79 -9.50 -31.45
C SER D 204 -27.56 -8.21 -31.23
N GLY D 205 -27.38 -7.61 -30.05
CA GLY D 205 -28.07 -6.36 -29.75
C GLY D 205 -27.29 -5.15 -30.24
N SER D 206 -28.01 -4.22 -30.85
CA SER D 206 -27.41 -3.02 -31.38
C SER D 206 -28.44 -1.91 -31.35
N GLY D 207 -27.96 -0.67 -31.38
CA GLY D 207 -28.84 0.48 -31.37
C GLY D 207 -28.06 1.76 -31.21
N SER D 208 -28.81 2.86 -31.22
CA SER D 208 -28.28 4.20 -31.03
C SER D 208 -28.98 4.86 -29.85
N GLY D 209 -28.62 6.10 -29.57
CA GLY D 209 -29.24 6.83 -28.48
C GLY D 209 -30.74 6.97 -28.65
N THR D 210 -31.51 6.48 -27.68
CA THR D 210 -32.96 6.53 -27.64
C THR D 210 -33.62 5.61 -28.67
N ALA D 211 -32.84 4.83 -29.42
CA ALA D 211 -33.39 3.89 -30.39
C ALA D 211 -32.57 2.61 -30.36
N PHE D 212 -33.21 1.50 -30.04
CA PHE D 212 -32.52 0.24 -29.84
C PHE D 212 -33.28 -0.88 -30.53
N THR D 213 -32.54 -1.93 -30.90
CA THR D 213 -33.14 -3.10 -31.54
C THR D 213 -32.31 -4.31 -31.19
N LEU D 214 -32.95 -5.49 -31.30
CA LEU D 214 -32.30 -6.76 -31.02
C LEU D 214 -32.44 -7.65 -32.25
N THR D 215 -31.33 -8.20 -32.72
CA THR D 215 -31.29 -9.01 -33.92
C THR D 215 -30.99 -10.46 -33.57
N ILE D 216 -31.74 -11.38 -34.17
CA ILE D 216 -31.54 -12.81 -34.00
C ILE D 216 -31.20 -13.39 -35.37
N SER D 217 -30.08 -14.09 -35.46
CA SER D 217 -29.63 -14.70 -36.71
C SER D 217 -29.86 -16.20 -36.63
N ARG D 218 -30.48 -16.77 -37.66
CA ARG D 218 -30.78 -18.20 -37.73
C ARG D 218 -31.64 -18.61 -36.52
N LEU D 219 -32.82 -18.01 -36.44
CA LEU D 219 -33.73 -18.31 -35.34
C LEU D 219 -34.07 -19.80 -35.32
N GLU D 220 -34.06 -20.37 -34.12
CA GLU D 220 -34.34 -21.80 -33.95
C GLU D 220 -35.30 -22.00 -32.78
N ALA D 221 -35.55 -23.26 -32.43
CA ALA D 221 -36.41 -23.55 -31.29
C ALA D 221 -35.73 -23.12 -30.00
N GLU D 222 -36.54 -22.99 -28.94
CA GLU D 222 -36.17 -22.52 -27.62
C GLU D 222 -36.01 -21.01 -27.57
N ASP D 223 -36.11 -20.30 -28.70
CA ASP D 223 -36.09 -18.85 -28.72
C ASP D 223 -37.48 -18.25 -28.62
N VAL D 224 -38.53 -19.08 -28.57
CA VAL D 224 -39.89 -18.58 -28.46
C VAL D 224 -40.12 -18.05 -27.05
N GLY D 225 -40.66 -16.83 -26.97
CA GLY D 225 -40.92 -16.23 -25.67
C GLY D 225 -41.29 -14.77 -25.82
N VAL D 226 -41.15 -14.04 -24.73
CA VAL D 226 -41.45 -12.61 -24.67
C VAL D 226 -40.16 -11.88 -24.31
N TYR D 227 -39.83 -10.86 -25.09
CA TYR D 227 -38.59 -10.11 -24.90
C TYR D 227 -38.91 -8.78 -24.22
N TYR D 228 -38.30 -8.55 -23.07
CA TYR D 228 -38.52 -7.33 -22.30
C TYR D 228 -37.25 -6.49 -22.31
N CYS D 229 -37.38 -5.24 -22.74
CA CYS D 229 -36.29 -4.29 -22.64
C CYS D 229 -36.31 -3.62 -21.28
N MET D 230 -35.14 -3.18 -20.83
CA MET D 230 -35.03 -2.52 -19.53
C MET D 230 -33.91 -1.50 -19.58
N GLN D 231 -34.22 -0.26 -19.23
CA GLN D 231 -33.19 0.75 -19.05
C GLN D 231 -32.59 0.64 -17.66
N HIS D 232 -31.38 1.17 -17.51
CA HIS D 232 -30.71 1.18 -16.22
C HIS D 232 -29.97 2.49 -16.00
N LEU D 233 -30.29 3.52 -16.78
CA LEU D 233 -29.59 4.80 -16.65
C LEU D 233 -29.82 5.41 -15.29
N GLU D 234 -31.06 5.40 -14.81
CA GLU D 234 -31.40 5.98 -13.51
C GLU D 234 -32.68 5.35 -13.01
N TYR D 235 -32.76 5.17 -11.70
CA TYR D 235 -33.94 4.56 -11.09
C TYR D 235 -35.10 5.54 -11.11
N PRO D 236 -36.34 5.03 -11.14
CA PRO D 236 -36.75 3.62 -11.16
C PRO D 236 -36.51 2.96 -12.51
N LEU D 237 -36.08 1.71 -12.51
CA LEU D 237 -35.89 0.98 -13.76
C LEU D 237 -37.24 0.69 -14.40
N THR D 238 -37.31 0.86 -15.72
CA THR D 238 -38.56 0.70 -16.45
C THR D 238 -38.40 -0.40 -17.49
N PHE D 239 -39.33 -1.35 -17.48
CA PHE D 239 -39.36 -2.43 -18.45
C PHE D 239 -40.32 -2.09 -19.58
N GLY D 240 -40.12 -2.75 -20.72
CA GLY D 240 -41.04 -2.60 -21.83
C GLY D 240 -42.25 -3.49 -21.69
N ALA D 241 -43.23 -3.24 -22.56
CA ALA D 241 -44.44 -4.06 -22.55
C ALA D 241 -44.12 -5.51 -22.91
N GLY D 242 -43.25 -5.71 -23.89
CA GLY D 242 -42.83 -7.05 -24.27
C GLY D 242 -43.28 -7.44 -25.67
N THR D 243 -42.40 -8.11 -26.41
CA THR D 243 -42.71 -8.61 -27.75
C THR D 243 -42.68 -10.14 -27.70
N LYS D 244 -43.80 -10.76 -28.06
CA LYS D 244 -43.94 -12.21 -27.98
C LYS D 244 -43.72 -12.82 -29.36
N LEU D 245 -42.83 -13.80 -29.43
CA LEU D 245 -42.58 -14.53 -30.67
C LEU D 245 -43.48 -15.75 -30.71
N GLU D 246 -44.18 -15.95 -31.83
CA GLU D 246 -45.08 -17.08 -32.01
C GLU D 246 -44.66 -17.85 -33.26
N LEU D 247 -44.63 -19.17 -33.16
CA LEU D 247 -44.26 -20.01 -34.29
C LEU D 247 -45.44 -20.21 -35.22
N ALA E 7 31.49 -35.32 -13.84
CA ALA E 7 30.49 -34.35 -13.31
C ALA E 7 30.40 -33.12 -14.20
N SER E 8 31.54 -32.45 -14.38
CA SER E 8 31.60 -31.25 -15.21
C SER E 8 31.69 -31.57 -16.70
N ILE E 9 31.88 -32.84 -17.07
CA ILE E 9 31.99 -33.18 -18.49
C ILE E 9 30.70 -32.85 -19.22
N ALA E 10 29.55 -33.15 -18.61
CA ALA E 10 28.28 -32.86 -19.25
C ALA E 10 28.08 -31.35 -19.40
N GLN E 11 28.42 -30.59 -18.36
CA GLN E 11 28.28 -29.14 -18.44
C GLN E 11 29.16 -28.56 -19.53
N ALA E 12 30.42 -29.01 -19.61
CA ALA E 12 31.31 -28.52 -20.65
C ALA E 12 30.79 -28.88 -22.04
N ARG E 13 30.32 -30.11 -22.22
CA ARG E 13 29.79 -30.53 -23.51
C ARG E 13 28.59 -29.67 -23.90
N LYS E 14 27.69 -29.43 -22.94
CA LYS E 14 26.50 -28.62 -23.23
C LYS E 14 26.90 -27.20 -23.61
N LEU E 15 27.85 -26.62 -22.87
CA LEU E 15 28.29 -25.26 -23.18
C LEU E 15 28.90 -25.19 -24.58
N VAL E 16 29.75 -26.17 -24.92
CA VAL E 16 30.40 -26.17 -26.22
C VAL E 16 29.34 -26.30 -27.32
N GLU E 17 28.38 -27.21 -27.14
CA GLU E 17 27.35 -27.40 -28.14
C GLU E 17 26.51 -26.13 -28.32
N GLN E 18 26.16 -25.49 -27.21
CA GLN E 18 25.35 -24.28 -27.29
C GLN E 18 26.10 -23.16 -28.01
N LEU E 19 27.38 -22.98 -27.68
CA LEU E 19 28.18 -21.96 -28.35
C LEU E 19 28.31 -22.26 -29.84
N LYS E 20 28.53 -23.52 -30.18
CA LYS E 20 28.63 -23.90 -31.59
C LYS E 20 27.32 -23.64 -32.33
N MET E 21 26.19 -23.95 -31.71
CA MET E 21 24.90 -23.67 -32.32
C MET E 21 24.71 -22.17 -32.52
N GLU E 22 25.12 -21.38 -31.53
CA GLU E 22 25.00 -19.93 -31.64
C GLU E 22 25.86 -19.37 -32.76
N ALA E 23 27.06 -19.93 -32.96
CA ALA E 23 27.96 -19.40 -33.98
C ALA E 23 27.43 -19.59 -35.39
N ASN E 24 26.40 -20.42 -35.57
CA ASN E 24 25.86 -20.73 -36.88
C ASN E 24 24.63 -19.89 -37.25
N ILE E 25 24.27 -18.90 -36.42
CA ILE E 25 23.08 -18.11 -36.71
C ILE E 25 23.37 -17.08 -37.79
N ASP E 26 22.32 -16.64 -38.49
CA ASP E 26 22.45 -15.57 -39.45
C ASP E 26 22.59 -14.23 -38.74
N ARG E 27 23.11 -13.24 -39.46
CA ARG E 27 23.36 -11.93 -38.87
C ARG E 27 23.35 -10.88 -39.96
N ILE E 28 23.17 -9.63 -39.56
CA ILE E 28 23.12 -8.49 -40.47
C ILE E 28 23.97 -7.37 -39.90
N LYS E 29 24.28 -6.40 -40.76
CA LYS E 29 25.07 -5.25 -40.34
C LYS E 29 24.28 -4.40 -39.35
N VAL E 30 24.99 -3.75 -38.43
CA VAL E 30 24.32 -2.94 -37.42
C VAL E 30 23.64 -1.75 -38.06
N SER E 31 24.17 -1.26 -39.19
CA SER E 31 23.56 -0.11 -39.84
C SER E 31 22.13 -0.41 -40.27
N LYS E 32 21.90 -1.60 -40.84
CA LYS E 32 20.55 -1.95 -41.27
C LYS E 32 19.60 -2.03 -40.08
N ALA E 33 20.06 -2.62 -38.96
CA ALA E 33 19.21 -2.72 -37.78
C ALA E 33 18.87 -1.34 -37.24
N ALA E 34 19.85 -0.45 -37.17
CA ALA E 34 19.59 0.91 -36.69
C ALA E 34 18.63 1.63 -37.62
N ALA E 35 18.80 1.46 -38.93
CA ALA E 35 17.89 2.09 -39.88
C ALA E 35 16.48 1.57 -39.70
N ASP E 36 16.33 0.26 -39.48
CA ASP E 36 15.00 -0.30 -39.27
C ASP E 36 14.36 0.24 -38.00
N LEU E 37 15.11 0.33 -36.91
CA LEU E 37 14.56 0.90 -35.68
C LEU E 37 14.15 2.35 -35.89
N MET E 38 14.98 3.13 -36.57
CA MET E 38 14.65 4.52 -36.83
C MET E 38 13.40 4.64 -37.69
N ALA E 39 13.28 3.79 -38.72
CA ALA E 39 12.12 3.83 -39.59
C ALA E 39 10.85 3.47 -38.81
N TYR E 40 10.92 2.46 -37.95
CA TYR E 40 9.76 2.11 -37.14
C TYR E 40 9.38 3.27 -36.22
N CYS E 41 10.35 3.89 -35.59
CA CYS E 41 10.05 5.00 -34.68
C CYS E 41 9.42 6.17 -35.44
N GLU E 42 9.92 6.45 -36.64
CA GLU E 42 9.39 7.57 -37.42
C GLU E 42 7.98 7.28 -37.92
N ALA E 43 7.73 6.04 -38.35
CA ALA E 43 6.44 5.71 -38.95
C ALA E 43 5.31 5.86 -37.93
N HIS E 44 5.54 5.44 -36.70
CA HIS E 44 4.51 5.43 -35.67
C HIS E 44 4.63 6.60 -34.70
N ALA E 45 5.41 7.63 -35.06
CA ALA E 45 5.59 8.76 -34.16
C ALA E 45 4.27 9.49 -33.91
N LYS E 46 3.47 9.64 -34.96
CA LYS E 46 2.23 10.40 -34.85
C LYS E 46 1.18 9.72 -33.98
N GLU E 47 1.37 8.43 -33.67
CA GLU E 47 0.41 7.67 -32.87
C GLU E 47 0.97 7.27 -31.51
N ASP E 48 1.84 8.17 -31.02
CA ASP E 48 2.43 7.98 -29.72
C ASP E 48 1.94 9.12 -28.77
N PRO E 49 0.95 8.87 -27.87
CA PRO E 49 0.51 9.98 -27.02
C PRO E 49 1.57 10.52 -26.08
N LEU E 50 2.40 9.64 -25.51
CA LEU E 50 3.46 10.12 -24.61
C LEU E 50 4.46 10.98 -25.36
N LEU E 51 4.86 10.56 -26.56
CA LEU E 51 5.79 11.34 -27.36
C LEU E 51 5.16 12.66 -27.80
N THR E 52 3.95 12.60 -28.32
CA THR E 52 3.20 13.78 -28.75
C THR E 52 1.90 13.86 -27.97
N PRO E 53 1.83 14.66 -26.91
CA PRO E 53 0.60 14.70 -26.10
C PRO E 53 -0.61 15.07 -26.93
N VAL E 54 -1.74 14.45 -26.59
CA VAL E 54 -2.99 14.64 -27.33
C VAL E 54 -3.84 15.70 -26.64
N PRO E 55 -4.78 16.33 -27.34
CA PRO E 55 -5.62 17.33 -26.68
C PRO E 55 -6.41 16.74 -25.53
N ALA E 56 -6.67 17.59 -24.52
CA ALA E 56 -7.33 17.13 -23.31
C ALA E 56 -8.67 16.46 -23.61
N SER E 57 -9.35 16.87 -24.68
CA SER E 57 -10.63 16.27 -25.02
C SER E 57 -10.47 14.78 -25.32
N GLU E 58 -9.45 14.43 -26.10
CA GLU E 58 -9.22 13.03 -26.42
C GLU E 58 -8.58 12.27 -25.26
N ASN E 59 -7.75 12.97 -24.48
CA ASN E 59 -7.12 12.37 -23.29
C ASN E 59 -8.22 11.74 -22.41
N PRO E 60 -8.10 10.45 -21.99
CA PRO E 60 -9.08 9.90 -21.05
C PRO E 60 -8.75 10.16 -19.59
N PHE E 61 -7.51 10.47 -19.26
CA PHE E 61 -7.11 10.80 -17.89
C PHE E 61 -7.15 12.32 -17.68
N ARG E 62 -8.33 12.89 -17.88
CA ARG E 62 -8.48 14.33 -17.79
C ARG E 62 -8.31 14.81 -16.35
N GLU E 63 -8.36 16.12 -16.18
CA GLU E 63 -8.22 16.72 -14.86
C GLU E 63 -9.48 16.50 -14.04
N LYS E 64 -9.35 16.68 -12.73
CA LYS E 64 -10.46 16.50 -11.80
C LYS E 64 -11.61 17.44 -12.16
C10 SWO F . -1.12 31.21 31.96
C13 SWO F . -3.87 29.76 33.30
C15 SWO F . -6.18 29.14 33.88
C01 SWO F . 0.32 37.53 33.46
C02 SWO F . -0.22 36.40 33.03
C03 SWO F . 0.49 35.60 32.23
N04 SWO F . 1.59 35.95 31.78
C05 SWO F . 2.19 37.00 32.18
C06 SWO F . 1.57 37.86 33.03
C07 SWO F . -0.22 34.37 31.81
C08 SWO F . 0.49 33.08 31.59
C09 SWO F . 0.00 32.03 32.52
C11 SWO F . -1.62 30.23 32.98
C12 SWO F . -2.70 29.36 32.50
C14 SWO F . -4.96 28.80 33.05
O16 SWO F . -0.35 38.38 34.32
O17 SWO F . 3.48 37.27 31.72
#